data_2A3V
#
_entry.id   2A3V
#
_cell.length_a   149.900
_cell.length_b   170.200
_cell.length_c   209.400
_cell.angle_alpha   90.00
_cell.angle_beta   90.00
_cell.angle_gamma   90.00
#
_symmetry.space_group_name_H-M   'C 2 2 21'
#
loop_
_entity.id
_entity.type
_entity.pdbx_description
1 polymer 'DNA (31-MER)'
2 polymer 'DNA (34-MER)'
3 polymer 'site-specific recombinase IntI4'
4 water water
#
loop_
_entity_poly.entity_id
_entity_poly.type
_entity_poly.pdbx_seq_one_letter_code
_entity_poly.pdbx_strand_id
1 'polydeoxyribonucleotide'
;(DG)(DG)(DA)(DT)(DC)(DC)(DG)(DG)(DT)(DT)(DA)(DT)(DA)(DA)(DC)(DG)(DC)(DC)(DC)(DG)
(DC)(DC)(DT)(DA)(DA)(DG)(DG)(DG)(DG)(DC)(DT)(DG)(DA)(DC)(DA)(DA)(DC)(DG)(DC)(DA)
;
E,G
2 'polydeoxyribonucleotide'
;(DT)(DG)(DC)(DG)(DT)(DT)(DG)(DA)(DC)(DA)(DG)(DT)(DC)(DC)(DC)(DT)(DC)(DT)(DT)(DG)
(DA)(DG)(DG)(DC)(DG)(DT)(DT)(DT)(DG)(DT)(DT)(DA)(DT)(DA)(DA)(DC)(DC)(DG)(DG)(DA)
(DT)(DC)(DC)
;
F,H
3 'polypeptide(L)'
;MGSQFLLSVREFMQTRYYAKKTIEAYLHWITRYIHFHNKKHPSLMGDKEVEEFLTYLAVQGKVATKTQSLALNSLSFLYK
EILKTPLSLEIRFQRSQLERKLPVVLTRDEIRRLLEIVDPKHQLPIKLLYGSGLRLMECMRLRVQDIDFDYGAIRIWQGK
GGKNRTVTLAKELYPHLKEQIALAKRYYDRDLHQKNYGGVWLPTALKEKYPNAPYEFRWHYLFPSFQLSLDPESDVMRRH
HMNETVLQKAVRRSAQEAGIEKTVTCHTLRHSFATHLLEVGADIRTVQEQLGHTDVKTTQIYTHVLDRGASGVLSPLSRL
;
A,B,C,D
#
loop_
_chem_comp.id
_chem_comp.type
_chem_comp.name
_chem_comp.formula
DA DNA linking 2'-DEOXYADENOSINE-5'-MONOPHOSPHATE 'C10 H14 N5 O6 P'
DC DNA linking 2'-DEOXYCYTIDINE-5'-MONOPHOSPHATE 'C9 H14 N3 O7 P'
DG DNA linking 2'-DEOXYGUANOSINE-5'-MONOPHOSPHATE 'C10 H14 N5 O7 P'
DT DNA linking THYMIDINE-5'-MONOPHOSPHATE 'C10 H15 N2 O8 P'
#
# COMPACT_ATOMS: atom_id res chain seq x y z
N GLY E 2 7.52 -7.02 -43.18
CA GLY E 2 8.15 -5.78 -43.72
C GLY E 2 8.34 -4.68 -42.68
N SER E 3 8.65 -3.47 -43.13
CA SER E 3 8.86 -2.35 -42.23
C SER E 3 7.51 -1.76 -41.78
N GLN E 4 6.42 -2.41 -42.20
CA GLN E 4 5.09 -1.96 -41.84
C GLN E 4 4.64 -2.65 -40.56
N PHE E 5 5.28 -3.76 -40.25
CA PHE E 5 4.95 -4.50 -39.04
C PHE E 5 5.59 -3.81 -37.85
N LEU E 6 6.80 -3.33 -38.05
CA LEU E 6 7.49 -2.64 -37.00
C LEU E 6 6.78 -1.33 -36.73
N LEU E 7 6.18 -0.76 -37.77
CA LEU E 7 5.48 0.50 -37.57
C LEU E 7 4.17 0.27 -36.83
N SER E 8 3.57 -0.88 -37.04
CA SER E 8 2.32 -1.15 -36.36
C SER E 8 2.60 -1.41 -34.88
N VAL E 9 3.76 -2.01 -34.60
CA VAL E 9 4.17 -2.29 -33.23
C VAL E 9 4.40 -0.97 -32.52
N ARG E 10 5.03 -0.03 -33.21
CA ARG E 10 5.31 1.27 -32.64
C ARG E 10 3.98 1.99 -32.34
N GLU E 11 3.01 1.84 -33.22
CA GLU E 11 1.70 2.47 -33.01
C GLU E 11 0.95 1.88 -31.83
N PHE E 12 1.03 0.56 -31.71
CA PHE E 12 0.37 -0.16 -30.63
C PHE E 12 0.81 0.39 -29.29
N MET E 13 2.13 0.43 -29.13
CA MET E 13 2.78 0.92 -27.94
C MET E 13 2.49 2.38 -27.68
N GLN E 14 2.52 3.23 -28.71
CA GLN E 14 2.23 4.63 -28.46
C GLN E 14 0.82 4.85 -27.93
N THR E 15 -0.14 4.03 -28.37
CA THR E 15 -1.52 4.20 -27.92
C THR E 15 -1.67 3.80 -26.47
N ARG E 16 -0.99 2.72 -26.11
CA ARG E 16 -1.00 2.20 -24.75
C ARG E 16 -0.09 3.10 -23.91
N TYR E 17 0.31 4.23 -24.46
CA TYR E 17 1.18 5.16 -23.76
C TYR E 17 2.45 4.60 -23.09
N TYR E 18 3.17 3.71 -23.76
CA TYR E 18 4.41 3.20 -23.20
C TYR E 18 5.37 4.38 -23.30
N ALA E 19 6.40 4.42 -22.46
CA ALA E 19 7.36 5.51 -22.51
C ALA E 19 8.02 5.53 -23.89
N LYS E 20 8.56 6.68 -24.30
CA LYS E 20 9.23 6.74 -25.60
C LYS E 20 10.45 5.84 -25.61
N LYS E 21 11.31 6.00 -24.60
CA LYS E 21 12.52 5.20 -24.51
C LYS E 21 12.20 3.73 -24.48
N THR E 22 11.06 3.36 -23.91
CA THR E 22 10.71 1.95 -23.85
C THR E 22 10.43 1.46 -25.25
N ILE E 23 9.72 2.27 -26.02
CA ILE E 23 9.41 1.89 -27.38
C ILE E 23 10.70 1.69 -28.18
N GLU E 24 11.63 2.62 -28.08
CA GLU E 24 12.86 2.47 -28.83
C GLU E 24 13.57 1.21 -28.39
N ALA E 25 13.68 1.01 -27.09
CA ALA E 25 14.38 -0.17 -26.59
C ALA E 25 13.77 -1.46 -27.13
N TYR E 26 12.47 -1.63 -26.97
CA TYR E 26 11.81 -2.83 -27.44
C TYR E 26 11.95 -3.01 -28.94
N LEU E 27 11.67 -1.94 -29.69
CA LEU E 27 11.79 -2.00 -31.15
C LEU E 27 13.17 -2.47 -31.56
N HIS E 28 14.20 -1.79 -31.07
CA HIS E 28 15.57 -2.14 -31.39
C HIS E 28 15.86 -3.64 -31.21
N TRP E 29 15.36 -4.24 -30.14
CA TRP E 29 15.61 -5.66 -29.93
C TRP E 29 14.72 -6.52 -30.77
N ILE E 30 13.53 -6.02 -31.09
CA ILE E 30 12.61 -6.75 -31.94
C ILE E 30 13.24 -6.70 -33.32
N THR E 31 13.71 -5.52 -33.68
CA THR E 31 14.33 -5.29 -34.96
C THR E 31 15.49 -6.23 -35.20
N ARG E 32 16.52 -6.17 -34.36
CA ARG E 32 17.66 -7.05 -34.60
C ARG E 32 17.42 -8.49 -34.19
N TYR E 33 16.16 -8.83 -34.03
CA TYR E 33 15.83 -10.19 -33.68
C TYR E 33 15.44 -10.83 -34.99
N ILE E 34 14.53 -10.17 -35.71
CA ILE E 34 14.08 -10.65 -37.01
C ILE E 34 15.26 -10.49 -37.96
N HIS E 35 16.06 -9.47 -37.71
CA HIS E 35 17.23 -9.21 -38.50
C HIS E 35 18.16 -10.40 -38.34
N PHE E 36 18.24 -10.92 -37.12
CA PHE E 36 19.08 -12.08 -36.83
C PHE E 36 18.75 -13.14 -37.84
N HIS E 37 17.52 -13.63 -37.77
CA HIS E 37 17.09 -14.62 -38.72
C HIS E 37 16.99 -13.87 -40.02
N ASN E 38 16.99 -14.61 -41.13
CA ASN E 38 16.81 -13.92 -42.38
C ASN E 38 15.41 -13.29 -42.28
N LYS E 39 15.20 -11.96 -42.37
CA LYS E 39 13.85 -11.42 -42.05
C LYS E 39 12.63 -12.08 -42.65
N LYS E 40 12.39 -13.06 -41.70
CA LYS E 40 11.33 -14.09 -41.49
C LYS E 40 10.40 -13.44 -40.45
N HIS E 41 9.11 -13.61 -40.69
CA HIS E 41 8.12 -13.05 -39.82
C HIS E 41 8.04 -13.74 -38.46
N PRO E 42 8.12 -12.94 -37.38
CA PRO E 42 8.06 -13.49 -36.03
C PRO E 42 6.80 -14.27 -35.71
N SER E 43 5.77 -14.10 -36.54
CA SER E 43 4.52 -14.81 -36.31
C SER E 43 4.70 -16.30 -36.61
N LEU E 44 5.67 -16.59 -37.47
CA LEU E 44 5.97 -17.96 -37.87
C LEU E 44 7.09 -18.53 -37.03
N MET E 45 7.43 -17.83 -35.94
CA MET E 45 8.49 -18.30 -35.05
C MET E 45 7.99 -18.44 -33.61
N GLY E 46 8.87 -18.88 -32.72
CA GLY E 46 8.46 -19.07 -31.34
C GLY E 46 9.62 -19.33 -30.40
N ASP E 47 9.34 -20.05 -29.33
CA ASP E 47 10.33 -20.36 -28.31
C ASP E 47 11.68 -20.74 -28.89
N LYS E 48 11.63 -21.66 -29.86
CA LYS E 48 12.82 -22.17 -30.51
C LYS E 48 13.73 -21.07 -31.05
N GLU E 49 13.20 -20.28 -31.99
CA GLU E 49 13.99 -19.21 -32.59
C GLU E 49 14.43 -18.16 -31.59
N VAL E 50 13.68 -18.01 -30.52
CA VAL E 50 14.01 -17.03 -29.49
C VAL E 50 15.21 -17.49 -28.68
N GLU E 51 15.13 -18.72 -28.17
CA GLU E 51 16.21 -19.25 -27.36
C GLU E 51 17.49 -19.43 -28.14
N GLU E 52 17.52 -18.90 -29.35
CA GLU E 52 18.71 -18.99 -30.20
C GLU E 52 19.28 -17.57 -30.29
N PHE E 53 18.40 -16.60 -30.55
CA PHE E 53 18.83 -15.22 -30.64
C PHE E 53 19.44 -14.78 -29.33
N LEU E 54 18.80 -15.14 -28.23
CA LEU E 54 19.30 -14.77 -26.93
C LEU E 54 20.65 -15.40 -26.68
N THR E 55 20.77 -16.69 -27.01
CA THR E 55 22.04 -17.42 -26.84
C THR E 55 23.09 -16.82 -27.77
N TYR E 56 22.64 -16.31 -28.91
CA TYR E 56 23.52 -15.68 -29.88
C TYR E 56 24.03 -14.37 -29.28
N LEU E 57 23.23 -13.73 -28.44
CA LEU E 57 23.63 -12.47 -27.82
C LEU E 57 24.69 -12.71 -26.76
N ALA E 58 24.46 -13.74 -25.95
CA ALA E 58 25.39 -14.11 -24.88
C ALA E 58 26.72 -14.50 -25.53
N VAL E 59 26.72 -15.69 -26.13
CA VAL E 59 27.89 -16.23 -26.83
C VAL E 59 28.13 -15.40 -28.09
N GLN E 60 29.36 -15.35 -28.57
CA GLN E 60 29.67 -14.58 -29.79
C GLN E 60 29.02 -13.19 -29.80
N GLY E 61 28.70 -12.68 -28.62
CA GLY E 61 28.08 -11.37 -28.49
C GLY E 61 28.56 -10.65 -27.24
N LYS E 62 29.00 -11.42 -26.25
CA LYS E 62 29.49 -10.89 -24.99
C LYS E 62 28.58 -9.80 -24.44
N VAL E 63 27.29 -9.99 -24.69
CA VAL E 63 26.29 -9.05 -24.22
C VAL E 63 26.20 -9.09 -22.69
N ALA E 64 25.95 -7.94 -22.09
CA ALA E 64 25.84 -7.84 -20.64
C ALA E 64 24.56 -8.53 -20.19
N THR E 65 24.61 -9.13 -19.02
CA THR E 65 23.45 -9.85 -18.47
C THR E 65 22.19 -8.98 -18.55
N LYS E 66 22.34 -7.70 -18.24
CA LYS E 66 21.20 -6.78 -18.30
C LYS E 66 20.75 -6.61 -19.74
N THR E 67 21.72 -6.49 -20.65
CA THR E 67 21.42 -6.32 -22.07
C THR E 67 20.61 -7.50 -22.55
N GLN E 68 21.02 -8.67 -22.13
CA GLN E 68 20.28 -9.85 -22.53
C GLN E 68 18.86 -9.77 -21.98
N SER E 69 18.72 -9.31 -20.74
CA SER E 69 17.41 -9.21 -20.11
C SER E 69 16.45 -8.31 -20.84
N LEU E 70 16.94 -7.18 -21.30
CA LEU E 70 16.07 -6.26 -22.02
C LEU E 70 15.57 -7.02 -23.25
N ALA E 71 16.50 -7.62 -23.99
CA ALA E 71 16.13 -8.38 -25.18
C ALA E 71 15.05 -9.39 -24.86
N LEU E 72 15.28 -10.19 -23.82
CA LEU E 72 14.31 -11.21 -23.44
C LEU E 72 12.93 -10.61 -23.25
N ASN E 73 12.87 -9.47 -22.57
CA ASN E 73 11.58 -8.82 -22.34
C ASN E 73 10.97 -8.26 -23.60
N SER E 74 11.79 -7.63 -24.44
CA SER E 74 11.30 -7.09 -25.69
C SER E 74 10.64 -8.20 -26.47
N LEU E 75 11.34 -9.31 -26.61
CA LEU E 75 10.80 -10.42 -27.34
C LEU E 75 9.53 -10.94 -26.72
N SER E 76 9.54 -11.10 -25.41
CA SER E 76 8.37 -11.59 -24.71
C SER E 76 7.19 -10.65 -24.94
N PHE E 77 7.46 -9.35 -24.98
CA PHE E 77 6.42 -8.36 -25.23
C PHE E 77 5.78 -8.63 -26.59
N LEU E 78 6.62 -8.73 -27.61
CA LEU E 78 6.19 -8.98 -28.97
C LEU E 78 5.24 -10.16 -29.04
N TYR E 79 5.64 -11.28 -28.47
CA TYR E 79 4.81 -12.46 -28.51
C TYR E 79 3.60 -12.47 -27.59
N LYS E 80 3.48 -11.52 -26.68
CA LYS E 80 2.32 -11.55 -25.80
C LYS E 80 1.30 -10.48 -26.11
N GLU E 81 1.79 -9.27 -26.34
CA GLU E 81 0.94 -8.13 -26.63
C GLU E 81 0.60 -7.97 -28.10
N ILE E 82 1.58 -8.17 -28.99
CA ILE E 82 1.37 -8.04 -30.42
C ILE E 82 0.70 -9.31 -30.96
N LEU E 83 1.49 -10.37 -31.18
CA LEU E 83 0.94 -11.63 -31.66
C LEU E 83 0.47 -12.38 -30.42
N LYS E 84 -0.79 -12.23 -30.04
CA LYS E 84 -1.31 -12.87 -28.83
C LYS E 84 -1.03 -14.37 -28.71
N THR E 85 0.24 -14.71 -28.53
CA THR E 85 0.68 -16.08 -28.42
C THR E 85 1.98 -16.04 -27.62
N PRO E 86 1.87 -15.93 -26.30
CA PRO E 86 2.99 -15.87 -25.37
C PRO E 86 3.99 -17.02 -25.38
N LEU E 87 5.27 -16.68 -25.23
CA LEU E 87 6.34 -17.66 -25.19
C LEU E 87 6.19 -18.51 -23.93
N SER E 88 7.01 -19.54 -23.76
CA SER E 88 6.93 -20.37 -22.58
C SER E 88 7.89 -19.80 -21.55
N LEU E 89 7.70 -20.15 -20.28
CA LEU E 89 8.58 -19.63 -19.23
C LEU E 89 9.74 -20.56 -18.96
N GLU E 90 10.00 -21.47 -19.89
CA GLU E 90 11.09 -22.41 -19.71
C GLU E 90 12.18 -22.24 -20.74
N ILE E 91 11.97 -21.31 -21.67
CA ILE E 91 12.94 -21.06 -22.72
C ILE E 91 14.36 -20.98 -22.17
N ARG E 92 15.13 -22.05 -22.36
CA ARG E 92 16.50 -22.11 -21.88
C ARG E 92 17.49 -21.57 -22.91
N PHE E 93 18.38 -20.69 -22.47
CA PHE E 93 19.37 -20.10 -23.35
C PHE E 93 20.64 -19.74 -22.57
N GLN E 94 21.73 -19.54 -23.29
CA GLN E 94 23.00 -19.21 -22.65
C GLN E 94 22.92 -17.86 -21.94
N ARG E 95 23.03 -17.87 -20.62
CA ARG E 95 22.97 -16.63 -19.84
C ARG E 95 24.33 -15.95 -19.86
N SER E 96 24.34 -14.63 -19.96
CA SER E 96 25.60 -13.90 -19.98
C SER E 96 26.44 -14.18 -18.75
N GLN E 97 27.69 -13.72 -18.80
CA GLN E 97 28.62 -13.91 -17.70
C GLN E 97 29.14 -12.59 -17.13
N LEU E 98 29.32 -11.58 -17.99
CA LEU E 98 29.81 -10.28 -17.55
C LEU E 98 29.03 -9.73 -16.35
N GLU E 99 29.68 -9.71 -15.19
CA GLU E 99 29.05 -9.22 -13.96
C GLU E 99 29.20 -7.71 -13.81
N ARG E 100 28.06 -7.02 -13.69
CA ARG E 100 28.04 -5.56 -13.54
C ARG E 100 28.92 -5.09 -12.39
N LYS E 101 29.79 -4.13 -12.68
CA LYS E 101 30.69 -3.60 -11.68
C LYS E 101 29.91 -2.82 -10.61
N LEU E 102 30.34 -2.95 -9.35
CA LEU E 102 29.67 -2.27 -8.24
C LEU E 102 29.44 -0.78 -8.52
N PRO E 103 28.28 -0.25 -8.07
CA PRO E 103 27.95 1.17 -8.28
C PRO E 103 29.04 2.08 -7.71
N VAL E 104 29.69 2.83 -8.60
CA VAL E 104 30.76 3.74 -8.17
C VAL E 104 30.19 4.90 -7.37
N VAL E 105 30.85 5.24 -6.26
CA VAL E 105 30.41 6.35 -5.41
C VAL E 105 31.59 7.20 -4.95
N LEU E 106 31.62 8.46 -5.38
CA LEU E 106 32.68 9.37 -5.00
C LEU E 106 32.66 9.65 -3.50
N THR E 107 33.58 10.51 -3.07
CA THR E 107 33.69 10.90 -1.67
C THR E 107 33.68 12.41 -1.57
N ARG E 108 33.35 12.89 -0.37
CA ARG E 108 33.29 14.32 -0.12
C ARG E 108 34.39 15.07 -0.84
N ASP E 109 35.64 14.76 -0.48
CA ASP E 109 36.78 15.44 -1.08
C ASP E 109 36.88 15.22 -2.57
N GLU E 110 36.55 14.01 -3.01
CA GLU E 110 36.59 13.72 -4.43
C GLU E 110 35.65 14.68 -5.14
N ILE E 111 34.39 14.71 -4.71
CA ILE E 111 33.40 15.59 -5.33
C ILE E 111 33.84 17.03 -5.17
N ARG E 112 34.37 17.34 -4.00
CA ARG E 112 34.85 18.67 -3.69
C ARG E 112 35.88 19.09 -4.75
N ARG E 113 36.79 18.18 -5.09
CA ARG E 113 37.81 18.47 -6.08
C ARG E 113 37.26 18.42 -7.49
N LEU E 114 36.22 17.62 -7.69
CA LEU E 114 35.62 17.50 -8.99
C LEU E 114 34.95 18.80 -9.41
N LEU E 115 34.24 19.44 -8.49
CA LEU E 115 33.54 20.69 -8.77
C LEU E 115 34.48 21.86 -8.99
N GLU E 116 35.77 21.60 -8.86
CA GLU E 116 36.76 22.64 -9.02
C GLU E 116 37.15 22.87 -10.46
N ILE E 117 37.91 21.94 -11.02
CA ILE E 117 38.37 22.08 -12.39
C ILE E 117 37.27 22.02 -13.45
N VAL E 118 36.11 22.54 -13.11
CA VAL E 118 35.00 22.57 -14.05
C VAL E 118 34.69 24.01 -14.40
N ASP E 119 34.67 24.32 -15.69
CA ASP E 119 34.39 25.69 -16.12
C ASP E 119 33.03 26.15 -15.66
N PRO E 120 32.90 27.44 -15.35
CA PRO E 120 31.63 28.00 -14.89
C PRO E 120 30.46 27.66 -15.81
N LYS E 121 30.75 27.39 -17.07
CA LYS E 121 29.71 27.06 -18.04
C LYS E 121 28.91 25.83 -17.65
N HIS E 122 29.50 24.99 -16.80
CA HIS E 122 28.83 23.76 -16.37
C HIS E 122 28.84 23.57 -14.86
N GLN E 123 29.28 24.57 -14.13
CA GLN E 123 29.33 24.44 -12.67
C GLN E 123 27.98 24.32 -12.00
N LEU E 124 27.00 25.09 -12.45
CA LEU E 124 25.69 25.04 -11.86
C LEU E 124 25.00 23.70 -12.11
N PRO E 125 24.90 23.30 -13.38
CA PRO E 125 24.25 22.03 -13.70
C PRO E 125 24.78 20.84 -12.93
N ILE E 126 26.08 20.66 -12.92
CA ILE E 126 26.62 19.50 -12.23
C ILE E 126 26.43 19.66 -10.72
N LYS E 127 26.39 20.89 -10.25
CA LYS E 127 26.19 21.09 -8.82
C LYS E 127 24.77 20.67 -8.45
N LEU E 128 23.85 20.76 -9.41
CA LEU E 128 22.48 20.35 -9.12
C LEU E 128 22.40 18.82 -9.13
N LEU E 129 23.22 18.18 -9.97
CA LEU E 129 23.21 16.74 -10.04
C LEU E 129 23.63 16.12 -8.73
N TYR E 130 24.48 16.82 -7.98
CA TYR E 130 24.94 16.30 -6.72
C TYR E 130 24.20 16.95 -5.56
N GLY E 131 23.95 18.25 -5.67
CA GLY E 131 23.26 18.98 -4.63
C GLY E 131 21.80 18.58 -4.45
N SER E 132 21.16 18.15 -5.51
CA SER E 132 19.76 17.76 -5.44
C SER E 132 19.55 16.40 -6.08
N GLY E 133 20.62 15.61 -6.17
CA GLY E 133 20.53 14.30 -6.76
C GLY E 133 19.71 14.18 -8.04
N LEU E 134 19.73 15.20 -8.90
CA LEU E 134 18.94 15.12 -10.12
C LEU E 134 19.53 14.17 -11.15
N ARG E 135 18.68 13.66 -12.03
CA ARG E 135 19.16 12.80 -13.11
C ARG E 135 19.58 13.77 -14.18
N LEU E 136 20.36 13.28 -15.14
CA LEU E 136 20.87 14.12 -16.22
C LEU E 136 19.78 14.91 -16.93
N MET E 137 18.86 14.21 -17.57
CA MET E 137 17.80 14.88 -18.28
C MET E 137 16.89 15.68 -17.34
N GLU E 138 16.75 15.26 -16.07
CA GLU E 138 15.89 16.04 -15.16
C GLU E 138 16.46 17.44 -15.03
N CYS E 139 17.78 17.51 -14.88
CA CYS E 139 18.44 18.79 -14.74
C CYS E 139 18.36 19.62 -16.00
N MET E 140 18.61 18.98 -17.13
CA MET E 140 18.60 19.66 -18.41
C MET E 140 17.23 20.16 -18.80
N ARG E 141 16.18 19.48 -18.36
CA ARG E 141 14.82 19.91 -18.72
C ARG E 141 14.21 20.94 -17.77
N LEU E 142 14.91 21.31 -16.72
CA LEU E 142 14.38 22.29 -15.77
C LEU E 142 13.84 23.55 -16.45
N ARG E 143 12.89 24.21 -15.82
CA ARG E 143 12.32 25.44 -16.39
C ARG E 143 12.34 26.53 -15.33
N VAL E 144 12.34 27.77 -15.77
CA VAL E 144 12.43 28.87 -14.81
C VAL E 144 11.49 28.76 -13.61
N GLN E 145 10.24 28.40 -13.86
CA GLN E 145 9.26 28.29 -12.77
C GLN E 145 9.53 27.12 -11.83
N ASP E 146 10.39 26.20 -12.27
CA ASP E 146 10.68 25.00 -11.47
C ASP E 146 11.57 25.26 -10.26
N ILE E 147 12.22 26.41 -10.21
CA ILE E 147 13.07 26.69 -9.06
C ILE E 147 12.31 27.47 -8.01
N ASP E 148 12.26 26.91 -6.81
CA ASP E 148 11.52 27.56 -5.72
C ASP E 148 12.45 28.22 -4.71
N PHE E 149 12.49 29.54 -4.72
CA PHE E 149 13.36 30.25 -3.79
C PHE E 149 12.70 30.50 -2.44
N ASP E 150 11.35 30.51 -2.43
CA ASP E 150 10.63 30.74 -1.18
C ASP E 150 10.89 29.62 -0.19
N TYR E 151 11.19 28.44 -0.71
CA TYR E 151 11.51 27.28 0.11
C TYR E 151 12.72 26.74 -0.63
N GLY E 152 13.71 26.21 0.05
CA GLY E 152 14.83 25.71 -0.73
C GLY E 152 14.42 24.45 -1.46
N ALA E 153 13.84 24.56 -2.66
CA ALA E 153 13.43 23.35 -3.36
C ALA E 153 13.35 23.48 -4.86
N ILE E 154 13.28 22.33 -5.54
CA ILE E 154 13.17 22.29 -6.98
C ILE E 154 12.05 21.33 -7.32
N ARG E 155 11.19 21.75 -8.24
CA ARG E 155 10.08 20.93 -8.67
C ARG E 155 10.52 20.13 -9.89
N ILE E 156 10.63 18.82 -9.74
CA ILE E 156 11.02 17.99 -10.84
C ILE E 156 9.75 17.42 -11.45
N TRP E 157 9.36 17.97 -12.58
CA TRP E 157 8.14 17.50 -13.22
C TRP E 157 8.34 16.28 -14.09
N GLN E 158 7.42 15.33 -13.97
CA GLN E 158 7.48 14.15 -14.80
C GLN E 158 8.85 13.48 -14.93
N GLY E 159 9.44 13.07 -13.80
CA GLY E 159 10.72 12.39 -13.86
C GLY E 159 10.50 10.95 -14.35
N LYS E 160 11.51 10.11 -14.32
CA LYS E 160 11.34 8.74 -14.80
C LYS E 160 10.00 8.15 -14.44
N GLY E 161 9.31 7.62 -15.43
CA GLY E 161 8.01 7.00 -15.18
C GLY E 161 6.90 7.95 -14.81
N GLY E 162 6.87 9.11 -15.46
CA GLY E 162 5.84 10.11 -15.20
C GLY E 162 5.47 10.31 -13.74
N LYS E 163 6.46 10.66 -12.93
CA LYS E 163 6.24 10.89 -11.50
C LYS E 163 6.79 12.27 -11.15
N ASN E 164 6.04 13.02 -10.36
CA ASN E 164 6.51 14.33 -10.01
C ASN E 164 7.07 14.27 -8.62
N ARG E 165 8.04 15.12 -8.33
CA ARG E 165 8.60 15.13 -6.99
C ARG E 165 9.21 16.48 -6.68
N THR E 166 9.40 16.73 -5.39
CA THR E 166 9.98 17.98 -4.92
C THR E 166 11.26 17.65 -4.23
N VAL E 167 12.34 18.18 -4.75
CA VAL E 167 13.63 17.86 -4.19
C VAL E 167 14.24 19.04 -3.46
N THR E 168 15.24 18.81 -2.62
CA THR E 168 15.87 19.90 -1.89
C THR E 168 16.84 20.68 -2.75
N LEU E 169 17.10 21.92 -2.37
CA LEU E 169 18.02 22.83 -3.09
C LEU E 169 19.09 23.34 -2.12
N ALA E 170 20.28 23.67 -2.62
CA ALA E 170 21.30 24.20 -1.73
C ALA E 170 21.22 25.72 -1.79
N LYS E 171 20.76 26.32 -0.70
CA LYS E 171 20.60 27.77 -0.58
C LYS E 171 21.74 28.59 -1.21
N GLU E 172 22.97 28.11 -1.02
CA GLU E 172 24.13 28.81 -1.57
C GLU E 172 24.07 29.02 -3.07
N LEU E 173 23.23 28.28 -3.77
CA LEU E 173 23.15 28.45 -5.20
C LEU E 173 22.17 29.52 -5.62
N TYR E 174 21.43 30.09 -4.68
CA TYR E 174 20.47 31.11 -5.07
C TYR E 174 21.05 32.18 -6.00
N PRO E 175 22.17 32.81 -5.58
CA PRO E 175 22.75 33.84 -6.43
C PRO E 175 23.11 33.28 -7.81
N HIS E 176 23.75 32.11 -7.84
CA HIS E 176 24.09 31.51 -9.13
C HIS E 176 22.85 31.28 -9.96
N LEU E 177 21.83 30.68 -9.34
CA LEU E 177 20.59 30.40 -10.05
C LEU E 177 20.01 31.68 -10.64
N LYS E 178 19.79 32.69 -9.81
CA LYS E 178 19.23 33.94 -10.29
C LYS E 178 20.00 34.50 -11.47
N GLU E 179 21.30 34.33 -11.43
CA GLU E 179 22.13 34.84 -12.51
C GLU E 179 21.80 34.03 -13.75
N GLN E 180 21.72 32.72 -13.57
CA GLN E 180 21.41 31.85 -14.70
C GLN E 180 20.04 32.18 -15.27
N ILE E 181 19.09 32.50 -14.41
CA ILE E 181 17.76 32.82 -14.87
C ILE E 181 17.81 34.13 -15.64
N ALA E 182 18.58 35.07 -15.11
CA ALA E 182 18.73 36.38 -15.73
C ALA E 182 19.33 36.19 -17.13
N LEU E 183 20.28 35.26 -17.22
CA LEU E 183 20.93 34.96 -18.48
C LEU E 183 19.91 34.42 -19.49
N ALA E 184 19.01 33.58 -18.99
CA ALA E 184 17.97 33.01 -19.84
C ALA E 184 16.97 34.08 -20.23
N LYS E 185 16.76 35.05 -19.34
CA LYS E 185 15.82 36.13 -19.59
C LYS E 185 16.29 36.95 -20.77
N ARG E 186 17.59 37.13 -20.87
CA ARG E 186 18.18 37.90 -21.97
C ARG E 186 17.85 37.24 -23.29
N TYR E 187 18.17 35.96 -23.43
CA TYR E 187 17.86 35.26 -24.67
C TYR E 187 16.37 35.33 -24.97
N TYR E 188 15.54 35.27 -23.94
CA TYR E 188 14.10 35.34 -24.11
C TYR E 188 13.69 36.70 -24.65
N ASP E 189 14.20 37.75 -24.02
CA ASP E 189 13.89 39.10 -24.46
C ASP E 189 14.30 39.32 -25.90
N ARG E 190 15.36 38.61 -26.33
CA ARG E 190 15.85 38.75 -27.69
C ARG E 190 15.06 37.89 -28.67
N ASP E 191 14.80 36.64 -28.28
CA ASP E 191 14.09 35.71 -29.14
C ASP E 191 12.62 36.07 -29.32
N LEU E 192 12.04 36.78 -28.35
CA LEU E 192 10.63 37.17 -28.45
C LEU E 192 10.36 37.90 -29.75
N HIS E 193 11.31 38.72 -30.17
CA HIS E 193 11.20 39.49 -31.40
C HIS E 193 11.89 38.73 -32.53
N GLN E 194 11.29 37.62 -32.96
CA GLN E 194 11.86 36.85 -34.04
C GLN E 194 10.79 36.52 -35.05
N LYS E 195 11.19 36.50 -36.32
CA LYS E 195 10.27 36.22 -37.41
C LYS E 195 9.57 34.87 -37.25
N ASN E 196 10.27 33.88 -36.75
CA ASN E 196 9.70 32.55 -36.58
C ASN E 196 10.13 31.89 -35.27
N TYR E 197 9.60 32.40 -34.16
CA TYR E 197 9.92 31.87 -32.83
C TYR E 197 8.67 31.27 -32.22
N GLY E 198 8.55 29.95 -32.25
CA GLY E 198 7.37 29.31 -31.68
C GLY E 198 7.43 29.14 -30.17
N GLY E 199 8.26 29.93 -29.51
CA GLY E 199 8.40 29.82 -28.07
C GLY E 199 8.99 28.48 -27.65
N VAL E 200 9.04 28.23 -26.34
CA VAL E 200 9.59 26.99 -25.80
C VAL E 200 8.69 25.77 -26.04
N TRP E 201 9.33 24.61 -26.20
CA TRP E 201 8.62 23.35 -26.43
C TRP E 201 7.89 22.93 -25.17
N LEU E 202 6.65 22.50 -25.32
CA LEU E 202 5.89 22.06 -24.17
C LEU E 202 5.52 20.61 -24.29
N PRO E 203 5.30 19.95 -23.14
CA PRO E 203 4.92 18.54 -23.03
C PRO E 203 3.65 18.31 -23.80
N THR E 204 3.40 17.05 -24.09
CA THR E 204 2.26 16.61 -24.85
C THR E 204 1.03 17.53 -24.86
N ALA E 205 0.74 18.00 -26.08
CA ALA E 205 -0.39 18.87 -26.45
C ALA E 205 -0.77 19.88 -25.34
N LEU E 206 0.24 20.51 -24.80
CA LEU E 206 0.10 21.53 -23.78
C LEU E 206 -0.08 22.87 -24.49
N LYS E 207 0.59 23.06 -25.63
CA LYS E 207 0.48 24.33 -26.37
C LYS E 207 -0.93 24.54 -26.89
N GLU E 208 -1.70 23.46 -27.01
CA GLU E 208 -3.07 23.57 -27.47
C GLU E 208 -3.95 23.99 -26.31
N LYS E 209 -3.60 23.56 -25.10
CA LYS E 209 -4.40 23.92 -23.94
C LYS E 209 -4.05 25.31 -23.45
N TYR E 210 -2.78 25.67 -23.52
CA TYR E 210 -2.32 26.99 -23.09
C TYR E 210 -1.52 27.60 -24.24
N PRO E 211 -2.21 28.02 -25.31
CA PRO E 211 -1.52 28.59 -26.46
C PRO E 211 -0.59 29.73 -26.15
N ASN E 212 -0.71 30.32 -24.99
CA ASN E 212 0.17 31.43 -24.71
C ASN E 212 1.41 30.99 -23.95
N ALA E 213 1.28 29.89 -23.23
CA ALA E 213 2.38 29.36 -22.44
C ALA E 213 3.73 29.38 -23.13
N PRO E 214 3.80 28.88 -24.36
CA PRO E 214 5.09 28.87 -25.07
C PRO E 214 5.79 30.21 -25.17
N TYR E 215 5.06 31.30 -24.95
CA TYR E 215 5.66 32.62 -25.04
C TYR E 215 5.82 33.28 -23.68
N GLU E 216 5.62 32.51 -22.63
CA GLU E 216 5.78 33.00 -21.26
C GLU E 216 7.17 32.60 -20.76
N PHE E 217 7.87 33.54 -20.14
CA PHE E 217 9.23 33.26 -19.66
C PHE E 217 9.27 32.09 -18.68
N ARG E 218 8.38 32.09 -17.70
CA ARG E 218 8.36 31.01 -16.69
C ARG E 218 8.42 29.59 -17.24
N TRP E 219 7.92 29.39 -18.46
CA TRP E 219 7.96 28.07 -19.07
C TRP E 219 9.25 27.79 -19.81
N HIS E 220 10.10 28.80 -19.96
CA HIS E 220 11.34 28.61 -20.69
C HIS E 220 12.38 27.84 -19.89
N TYR E 221 13.21 27.07 -20.59
CA TYR E 221 14.25 26.26 -19.97
C TYR E 221 15.22 27.09 -19.14
N LEU E 222 15.71 26.51 -18.06
CA LEU E 222 16.66 27.18 -17.17
C LEU E 222 18.04 27.25 -17.81
N PHE E 223 18.43 26.17 -18.48
CA PHE E 223 19.72 26.10 -19.12
C PHE E 223 19.54 25.98 -20.62
N PRO E 224 19.33 27.12 -21.30
CA PRO E 224 19.15 27.13 -22.76
C PRO E 224 20.47 27.03 -23.52
N SER E 225 20.39 26.74 -24.82
CA SER E 225 21.60 26.65 -25.64
C SER E 225 21.93 28.05 -26.16
N PHE E 226 23.18 28.25 -26.57
CA PHE E 226 23.63 29.54 -27.08
C PHE E 226 22.96 29.97 -28.39
N GLN E 227 22.50 29.01 -29.17
CA GLN E 227 21.86 29.31 -30.45
C GLN E 227 20.39 28.92 -30.43
N LEU E 228 19.79 28.77 -31.62
CA LEU E 228 18.39 28.36 -31.73
C LEU E 228 18.29 27.17 -32.66
N SER E 229 17.20 26.43 -32.54
CA SER E 229 17.00 25.25 -33.36
C SER E 229 15.73 25.37 -34.19
N LEU E 230 15.59 24.50 -35.18
CA LEU E 230 14.42 24.52 -36.03
C LEU E 230 13.63 23.22 -35.83
N ASP E 231 12.60 23.30 -35.00
CA ASP E 231 11.75 22.15 -34.70
C ASP E 231 11.11 21.57 -35.95
N PRO E 232 11.38 20.30 -36.26
CA PRO E 232 10.80 19.66 -37.45
C PRO E 232 9.28 19.74 -37.44
N GLU E 233 8.64 19.16 -36.42
CA GLU E 233 7.18 19.21 -36.34
C GLU E 233 6.76 20.68 -36.20
N SER E 234 5.85 21.11 -37.05
CA SER E 234 5.39 22.50 -37.02
C SER E 234 6.59 23.39 -37.25
N ASP E 235 7.00 23.48 -38.51
CA ASP E 235 8.16 24.28 -38.91
C ASP E 235 8.25 25.62 -38.18
N VAL E 236 8.95 25.62 -37.03
CA VAL E 236 9.15 26.84 -36.26
C VAL E 236 10.46 26.73 -35.50
N MET E 237 11.01 27.87 -35.08
CA MET E 237 12.27 27.87 -34.36
C MET E 237 12.06 28.22 -32.90
N ARG E 238 12.83 27.55 -32.05
CA ARG E 238 12.74 27.75 -30.61
C ARG E 238 14.10 27.52 -29.96
N ARG E 239 14.26 28.01 -28.74
CA ARG E 239 15.52 27.86 -28.03
C ARG E 239 15.51 26.59 -27.17
N HIS E 240 16.02 25.50 -27.75
CA HIS E 240 16.09 24.23 -27.05
C HIS E 240 17.04 24.36 -25.88
N HIS E 241 17.04 23.36 -25.00
CA HIS E 241 17.92 23.42 -23.83
C HIS E 241 19.33 22.90 -24.11
N MET E 242 20.23 23.18 -23.17
CA MET E 242 21.63 22.76 -23.23
C MET E 242 21.76 21.33 -23.76
N ASN E 243 22.92 21.00 -24.30
CA ASN E 243 23.15 19.67 -24.85
C ASN E 243 23.60 18.67 -23.78
N GLU E 244 22.87 17.56 -23.67
CA GLU E 244 23.19 16.52 -22.69
C GLU E 244 24.62 16.03 -22.82
N THR E 245 24.91 15.52 -24.00
CA THR E 245 26.21 14.97 -24.35
C THR E 245 27.37 15.86 -23.91
N VAL E 246 27.22 17.16 -24.10
CA VAL E 246 28.28 18.08 -23.71
C VAL E 246 28.52 18.04 -22.21
N LEU E 247 27.44 17.99 -21.44
CA LEU E 247 27.52 17.95 -20.00
C LEU E 247 28.12 16.62 -19.58
N GLN E 248 27.67 15.55 -20.23
CA GLN E 248 28.15 14.22 -19.93
C GLN E 248 29.66 14.08 -20.04
N LYS E 249 30.23 14.64 -21.09
CA LYS E 249 31.68 14.54 -21.24
C LYS E 249 32.31 15.57 -20.35
N ALA E 250 31.64 16.69 -20.16
CA ALA E 250 32.19 17.73 -19.30
C ALA E 250 32.53 17.15 -17.93
N VAL E 251 31.62 16.37 -17.39
CA VAL E 251 31.82 15.75 -16.07
C VAL E 251 32.85 14.64 -16.15
N ARG E 252 32.95 14.00 -17.30
CA ARG E 252 33.91 12.92 -17.49
C ARG E 252 35.33 13.47 -17.54
N ARG E 253 35.52 14.52 -18.33
CA ARG E 253 36.83 15.13 -18.46
C ARG E 253 37.26 15.70 -17.12
N SER E 254 36.43 16.57 -16.55
CA SER E 254 36.76 17.17 -15.28
C SER E 254 37.11 16.10 -14.25
N ALA E 255 36.51 14.93 -14.39
CA ALA E 255 36.74 13.81 -13.48
C ALA E 255 38.18 13.30 -13.60
N GLN E 256 38.72 13.39 -14.82
CA GLN E 256 40.08 12.94 -15.12
C GLN E 256 41.05 14.05 -14.72
N GLU E 257 40.69 15.29 -15.08
CA GLU E 257 41.52 16.46 -14.77
C GLU E 257 41.53 16.75 -13.28
N ALA E 258 41.54 15.71 -12.45
CA ALA E 258 41.59 15.87 -11.03
C ALA E 258 42.08 14.62 -10.36
N GLY E 259 42.33 13.56 -11.11
CA GLY E 259 42.68 12.28 -10.55
C GLY E 259 41.39 11.49 -10.65
N ILE E 260 41.04 10.78 -9.60
CA ILE E 260 39.84 9.93 -9.58
C ILE E 260 39.74 8.95 -10.77
N GLU E 261 40.35 7.77 -10.49
CA GLU E 261 40.33 6.63 -11.41
C GLU E 261 39.28 5.64 -10.96
N LYS E 262 38.04 6.14 -11.07
CA LYS E 262 36.91 5.28 -10.79
C LYS E 262 35.84 5.33 -11.89
N THR E 263 36.11 6.04 -12.97
CA THR E 263 35.15 6.16 -14.08
C THR E 263 33.89 6.77 -13.50
N VAL E 264 33.88 8.09 -13.41
CA VAL E 264 32.73 8.77 -12.85
C VAL E 264 31.91 9.46 -13.92
N THR E 265 30.59 9.28 -13.84
CA THR E 265 29.64 9.88 -14.77
C THR E 265 28.50 10.58 -14.02
N CYS E 266 27.55 11.14 -14.76
CA CYS E 266 26.45 11.82 -14.13
C CYS E 266 25.69 11.03 -13.09
N HIS E 267 25.21 9.84 -13.42
CA HIS E 267 24.47 9.12 -12.40
C HIS E 267 25.32 8.77 -11.19
N THR E 268 26.64 8.85 -11.29
CA THR E 268 27.46 8.51 -10.12
C THR E 268 27.44 9.70 -9.18
N LEU E 269 27.06 10.86 -9.69
CA LEU E 269 26.97 12.05 -8.84
C LEU E 269 25.68 11.94 -8.05
N ARG E 270 24.69 11.31 -8.66
CA ARG E 270 23.40 11.12 -8.02
C ARG E 270 23.55 10.10 -6.92
N HIS E 271 24.32 9.05 -7.18
CA HIS E 271 24.57 8.00 -6.17
C HIS E 271 25.22 8.60 -4.95
N SER E 272 26.11 9.55 -5.19
CA SER E 272 26.85 10.21 -4.12
C SER E 272 25.90 11.02 -3.26
N PHE E 273 24.95 11.66 -3.92
CA PHE E 273 23.96 12.46 -3.22
C PHE E 273 23.23 11.55 -2.24
N ALA E 274 22.78 10.40 -2.72
CA ALA E 274 22.06 9.50 -1.83
C ALA E 274 22.96 8.94 -0.76
N THR E 275 24.17 8.60 -1.16
CA THR E 275 25.08 8.01 -0.22
C THR E 275 25.46 9.01 0.85
N HIS E 276 25.78 10.23 0.44
CA HIS E 276 26.18 11.22 1.41
C HIS E 276 25.08 11.59 2.39
N LEU E 277 23.85 11.71 1.94
CA LEU E 277 22.73 12.02 2.83
C LEU E 277 22.65 10.93 3.87
N LEU E 278 22.83 9.69 3.43
CA LEU E 278 22.76 8.59 4.36
C LEU E 278 23.87 8.62 5.36
N GLU E 279 25.07 8.90 4.91
CA GLU E 279 26.21 8.92 5.83
C GLU E 279 26.12 10.01 6.87
N VAL E 280 25.26 11.00 6.64
CA VAL E 280 25.14 12.09 7.59
C VAL E 280 24.05 11.78 8.61
N GLY E 281 23.29 10.72 8.37
CA GLY E 281 22.23 10.35 9.30
C GLY E 281 20.80 10.48 8.80
N ALA E 282 20.61 10.96 7.58
CA ALA E 282 19.27 11.10 7.03
C ALA E 282 18.58 9.76 7.03
N ASP E 283 17.26 9.76 7.13
CA ASP E 283 16.52 8.51 7.13
C ASP E 283 16.44 7.98 5.71
N ILE E 284 16.42 6.65 5.56
CA ILE E 284 16.33 6.06 4.24
C ILE E 284 15.08 6.57 3.52
N ARG E 285 13.93 6.58 4.17
CA ARG E 285 12.74 7.03 3.48
C ARG E 285 12.89 8.47 3.04
N THR E 286 13.73 9.23 3.73
CA THR E 286 13.94 10.61 3.35
C THR E 286 14.70 10.65 2.04
N VAL E 287 15.70 9.78 1.93
CA VAL E 287 16.51 9.69 0.73
C VAL E 287 15.64 9.17 -0.41
N GLN E 288 14.80 8.21 -0.07
CA GLN E 288 13.89 7.60 -1.03
C GLN E 288 13.03 8.68 -1.71
N GLU E 289 12.44 9.56 -0.90
CA GLU E 289 11.61 10.61 -1.42
C GLU E 289 12.41 11.58 -2.29
N GLN E 290 13.64 11.87 -1.92
CA GLN E 290 14.44 12.79 -2.73
C GLN E 290 14.77 12.16 -4.07
N LEU E 291 15.00 10.86 -4.10
CA LEU E 291 15.31 10.25 -5.37
C LEU E 291 14.08 9.98 -6.22
N GLY E 292 12.94 9.75 -5.58
CA GLY E 292 11.74 9.47 -6.34
C GLY E 292 11.45 7.98 -6.36
N HIS E 293 12.08 7.20 -5.49
CA HIS E 293 11.79 5.77 -5.48
C HIS E 293 10.41 5.54 -4.92
N THR E 294 9.64 4.68 -5.54
CA THR E 294 8.32 4.47 -4.98
C THR E 294 8.34 3.58 -3.76
N ASP E 295 9.39 2.79 -3.58
CA ASP E 295 9.45 1.90 -2.43
C ASP E 295 10.84 1.89 -1.83
N VAL E 296 10.92 1.97 -0.50
CA VAL E 296 12.19 1.97 0.19
C VAL E 296 13.10 0.83 -0.23
N LYS E 297 12.53 -0.36 -0.44
CA LYS E 297 13.34 -1.51 -0.82
C LYS E 297 14.24 -1.22 -2.01
N THR E 298 13.85 -0.24 -2.83
CA THR E 298 14.68 0.13 -3.96
C THR E 298 15.84 0.96 -3.47
N THR E 299 15.54 1.86 -2.54
CA THR E 299 16.56 2.75 -1.99
C THR E 299 17.57 1.96 -1.15
N GLN E 300 17.15 0.85 -0.56
CA GLN E 300 18.05 0.04 0.25
C GLN E 300 19.19 -0.50 -0.61
N ILE E 301 18.94 -0.58 -1.91
CA ILE E 301 19.95 -1.03 -2.87
C ILE E 301 20.76 0.21 -3.26
N TYR E 302 20.99 1.07 -2.25
CA TYR E 302 21.73 2.32 -2.39
C TYR E 302 22.39 2.53 -1.06
N THR E 303 22.45 1.47 -0.27
CA THR E 303 23.06 1.52 1.05
C THR E 303 24.11 0.43 1.18
N HIS E 304 24.65 0.00 0.03
CA HIS E 304 25.68 -1.04 0.01
C HIS E 304 27.02 -0.50 -0.48
N SER E 311 27.21 -2.62 13.04
CA SER E 311 28.16 -2.27 14.09
C SER E 311 27.60 -1.18 15.02
N GLY E 312 28.32 -0.89 16.09
CA GLY E 312 27.88 0.12 17.04
C GLY E 312 26.70 -0.34 17.88
N VAL E 313 26.23 -1.57 17.65
CA VAL E 313 25.10 -2.09 18.40
C VAL E 313 25.55 -2.99 19.53
N LEU E 314 25.40 -2.53 20.75
CA LEU E 314 25.81 -3.33 21.90
C LEU E 314 24.87 -4.49 22.09
N SER E 315 25.42 -5.70 22.17
CA SER E 315 24.60 -6.88 22.35
C SER E 315 23.75 -6.80 23.61
N PRO E 316 22.47 -7.19 23.51
CA PRO E 316 21.60 -7.16 24.68
C PRO E 316 22.12 -8.06 25.79
N LEU E 317 22.90 -9.07 25.42
CA LEU E 317 23.43 -9.97 26.43
C LEU E 317 24.39 -9.21 27.36
N SER E 318 25.11 -8.27 26.78
CA SER E 318 26.05 -7.47 27.54
C SER E 318 25.37 -6.57 28.56
N ARG E 319 24.12 -6.18 28.29
CA ARG E 319 23.40 -5.31 29.21
C ARG E 319 22.65 -6.09 30.27
N LEU E 320 22.53 -7.41 30.08
CA LEU E 320 21.81 -8.20 31.07
C LEU E 320 22.29 -7.84 32.46
N MET F 1 7.64 -51.35 7.39
CA MET F 1 8.46 -50.56 6.44
C MET F 1 7.62 -49.67 5.52
N GLY F 2 8.25 -48.61 5.00
CA GLY F 2 7.57 -47.69 4.10
C GLY F 2 7.55 -48.22 2.68
N SER F 3 6.78 -47.58 1.81
CA SER F 3 6.69 -48.02 0.42
C SER F 3 7.92 -47.71 -0.43
N GLN F 4 8.07 -48.47 -1.51
CA GLN F 4 9.17 -48.32 -2.45
C GLN F 4 9.00 -47.04 -3.23
N PHE F 5 7.76 -46.56 -3.30
CA PHE F 5 7.48 -45.33 -4.01
C PHE F 5 7.99 -44.13 -3.23
N LEU F 6 7.65 -44.09 -1.94
CA LEU F 6 8.09 -43.01 -1.07
C LEU F 6 9.60 -42.92 -1.07
N LEU F 7 10.26 -44.07 -1.01
CA LEU F 7 11.71 -44.14 -1.00
C LEU F 7 12.26 -43.58 -2.30
N SER F 8 11.57 -43.80 -3.42
CA SER F 8 12.06 -43.30 -4.69
C SER F 8 11.93 -41.79 -4.76
N VAL F 9 10.88 -41.25 -4.14
CA VAL F 9 10.65 -39.81 -4.14
C VAL F 9 11.72 -39.13 -3.29
N ARG F 10 11.92 -39.67 -2.10
CA ARG F 10 12.92 -39.14 -1.20
C ARG F 10 14.26 -39.03 -1.90
N GLU F 11 14.57 -40.02 -2.74
CA GLU F 11 15.84 -39.99 -3.46
C GLU F 11 15.78 -39.02 -4.62
N PHE F 12 14.63 -38.90 -5.26
CA PHE F 12 14.53 -37.96 -6.37
C PHE F 12 14.90 -36.58 -5.87
N MET F 13 14.33 -36.22 -4.72
CA MET F 13 14.55 -34.93 -4.12
C MET F 13 16.01 -34.75 -3.65
N GLN F 14 16.54 -35.72 -2.90
CA GLN F 14 17.92 -35.63 -2.41
C GLN F 14 18.93 -35.38 -3.52
N THR F 15 18.56 -35.69 -4.76
CA THR F 15 19.43 -35.49 -5.90
C THR F 15 19.36 -34.07 -6.40
N ARG F 16 18.19 -33.44 -6.25
CA ARG F 16 18.07 -32.06 -6.70
C ARG F 16 18.52 -31.14 -5.57
N TYR F 17 19.05 -31.73 -4.51
CA TYR F 17 19.56 -30.95 -3.39
C TYR F 17 18.51 -30.17 -2.60
N TYR F 18 17.26 -30.63 -2.63
CA TYR F 18 16.21 -29.96 -1.88
C TYR F 18 16.60 -29.99 -0.40
N ALA F 19 16.15 -29.00 0.36
CA ALA F 19 16.47 -28.93 1.78
C ALA F 19 15.95 -30.14 2.54
N LYS F 20 16.65 -30.51 3.60
CA LYS F 20 16.23 -31.63 4.41
C LYS F 20 14.80 -31.46 4.92
N LYS F 21 14.52 -30.30 5.51
CA LYS F 21 13.19 -30.01 6.05
C LYS F 21 12.11 -29.98 4.96
N THR F 22 12.51 -29.71 3.72
CA THR F 22 11.57 -29.67 2.60
C THR F 22 11.15 -31.10 2.28
N ILE F 23 12.14 -32.00 2.22
CA ILE F 23 11.92 -33.40 1.94
C ILE F 23 10.98 -33.97 3.00
N GLU F 24 11.30 -33.77 4.26
CA GLU F 24 10.44 -34.29 5.31
C GLU F 24 9.02 -33.78 5.12
N ALA F 25 8.89 -32.47 4.88
CA ALA F 25 7.59 -31.86 4.67
C ALA F 25 6.85 -32.45 3.47
N TYR F 26 7.38 -32.28 2.27
CA TYR F 26 6.72 -32.80 1.10
C TYR F 26 6.35 -34.28 1.22
N LEU F 27 7.28 -35.08 1.70
CA LEU F 27 7.00 -36.49 1.84
C LEU F 27 5.79 -36.73 2.73
N HIS F 28 5.78 -36.08 3.89
CA HIS F 28 4.67 -36.23 4.83
C HIS F 28 3.30 -36.01 4.23
N TRP F 29 3.18 -34.99 3.39
CA TRP F 29 1.87 -34.74 2.79
C TRP F 29 1.61 -35.67 1.63
N ILE F 30 2.67 -36.24 1.07
CA ILE F 30 2.47 -37.16 -0.02
C ILE F 30 1.99 -38.49 0.51
N THR F 31 2.62 -38.98 1.57
CA THR F 31 2.18 -40.25 2.09
C THR F 31 0.79 -40.09 2.67
N ARG F 32 0.52 -38.95 3.29
CA ARG F 32 -0.81 -38.75 3.87
C ARG F 32 -1.82 -38.69 2.73
N TYR F 33 -1.40 -38.17 1.59
CA TYR F 33 -2.26 -38.07 0.43
C TYR F 33 -2.57 -39.46 -0.08
N ILE F 34 -1.52 -40.26 -0.24
CA ILE F 34 -1.62 -41.63 -0.71
C ILE F 34 -2.49 -42.47 0.23
N HIS F 35 -2.06 -42.62 1.47
CA HIS F 35 -2.82 -43.39 2.43
C HIS F 35 -4.26 -42.92 2.63
N PHE F 36 -4.66 -41.85 1.95
CA PHE F 36 -6.02 -41.34 2.09
C PHE F 36 -6.88 -41.97 1.01
N HIS F 37 -6.23 -42.39 -0.08
CA HIS F 37 -6.88 -43.03 -1.20
C HIS F 37 -6.52 -44.52 -1.22
N ASN F 38 -6.40 -45.03 0.00
CA ASN F 38 -6.18 -46.42 0.18
C ASN F 38 -5.06 -46.87 -0.65
N LYS F 39 -3.97 -46.19 -0.33
CA LYS F 39 -2.65 -46.53 -0.89
C LYS F 39 -2.56 -46.73 -2.41
N LYS F 40 -3.51 -46.17 -3.20
CA LYS F 40 -3.61 -46.17 -4.65
C LYS F 40 -2.46 -45.42 -5.29
N HIS F 41 -2.00 -45.79 -6.48
CA HIS F 41 -0.88 -45.07 -7.07
C HIS F 41 -1.27 -43.64 -7.47
N PRO F 42 -0.44 -42.64 -7.11
CA PRO F 42 -0.71 -41.23 -7.43
C PRO F 42 -0.71 -40.92 -8.92
N SER F 43 -0.18 -41.83 -9.72
CA SER F 43 -0.14 -41.62 -11.17
C SER F 43 -1.48 -41.96 -11.80
N LEU F 44 -2.34 -42.61 -11.03
CA LEU F 44 -3.67 -43.00 -11.49
C LEU F 44 -4.70 -41.98 -11.05
N MET F 45 -4.26 -41.00 -10.26
CA MET F 45 -5.15 -39.96 -9.74
C MET F 45 -4.77 -38.60 -10.30
N GLY F 46 -5.64 -37.61 -10.09
CA GLY F 46 -5.39 -36.26 -10.59
C GLY F 46 -6.03 -35.17 -9.76
N ASP F 47 -6.38 -34.06 -10.40
CA ASP F 47 -7.00 -32.94 -9.70
C ASP F 47 -8.12 -33.38 -8.79
N LYS F 48 -9.07 -34.12 -9.33
CA LYS F 48 -10.21 -34.57 -8.55
C LYS F 48 -9.79 -35.13 -7.19
N GLU F 49 -8.84 -36.06 -7.20
CA GLU F 49 -8.36 -36.67 -5.96
C GLU F 49 -7.60 -35.69 -5.07
N VAL F 50 -6.80 -34.83 -5.68
CA VAL F 50 -6.07 -33.86 -4.89
C VAL F 50 -7.04 -32.95 -4.14
N GLU F 51 -8.04 -32.43 -4.87
CA GLU F 51 -9.03 -31.55 -4.27
C GLU F 51 -9.82 -32.25 -3.15
N GLU F 52 -10.12 -33.53 -3.36
CA GLU F 52 -10.85 -34.29 -2.36
C GLU F 52 -10.01 -34.39 -1.10
N PHE F 53 -8.69 -34.52 -1.26
CA PHE F 53 -7.79 -34.61 -0.12
C PHE F 53 -7.69 -33.27 0.61
N LEU F 54 -7.49 -32.21 -0.16
CA LEU F 54 -7.42 -30.86 0.38
C LEU F 54 -8.71 -30.57 1.16
N THR F 55 -9.85 -30.85 0.54
CA THR F 55 -11.13 -30.63 1.19
C THR F 55 -11.21 -31.44 2.46
N TYR F 56 -10.63 -32.64 2.43
CA TYR F 56 -10.63 -33.50 3.60
C TYR F 56 -9.88 -32.81 4.74
N LEU F 57 -8.69 -32.31 4.44
CA LEU F 57 -7.88 -31.63 5.43
C LEU F 57 -8.61 -30.43 5.99
N ALA F 58 -9.15 -29.66 5.07
CA ALA F 58 -9.86 -28.46 5.42
C ALA F 58 -11.02 -28.77 6.30
N VAL F 59 -11.86 -29.67 5.81
CA VAL F 59 -13.04 -30.02 6.60
C VAL F 59 -12.66 -31.15 7.55
N GLN F 60 -13.56 -31.82 8.19
CA GLN F 60 -13.05 -32.78 9.20
C GLN F 60 -11.54 -33.15 9.00
N GLY F 61 -10.71 -32.39 9.70
CA GLY F 61 -9.27 -32.51 9.65
C GLY F 61 -8.93 -31.20 10.34
N LYS F 62 -9.82 -30.24 10.06
CA LYS F 62 -9.77 -28.91 10.63
C LYS F 62 -8.38 -28.31 10.54
N VAL F 63 -7.69 -28.53 9.43
CA VAL F 63 -6.35 -28.00 9.30
C VAL F 63 -6.37 -26.52 8.97
N ALA F 64 -5.23 -25.85 9.18
CA ALA F 64 -5.12 -24.42 8.90
C ALA F 64 -4.85 -24.14 7.42
N THR F 65 -5.39 -23.04 6.95
CA THR F 65 -5.18 -22.69 5.56
C THR F 65 -3.73 -22.81 5.11
N LYS F 66 -2.78 -22.41 5.93
CA LYS F 66 -1.38 -22.54 5.51
C LYS F 66 -0.92 -23.99 5.41
N THR F 67 -1.36 -24.85 6.33
CA THR F 67 -0.91 -26.22 6.23
C THR F 67 -1.58 -26.87 5.02
N GLN F 68 -2.79 -26.47 4.68
CA GLN F 68 -3.44 -27.08 3.53
C GLN F 68 -2.74 -26.60 2.29
N SER F 69 -2.20 -25.42 2.40
CA SER F 69 -1.50 -24.80 1.30
C SER F 69 -0.17 -25.51 1.06
N LEU F 70 0.48 -25.98 2.13
CA LEU F 70 1.75 -26.70 1.99
C LEU F 70 1.46 -28.06 1.35
N ALA F 71 0.36 -28.67 1.76
CA ALA F 71 -0.05 -29.96 1.23
C ALA F 71 -0.19 -29.81 -0.26
N LEU F 72 -0.88 -28.76 -0.69
CA LEU F 72 -1.03 -28.54 -2.11
C LEU F 72 0.36 -28.30 -2.75
N ASN F 73 1.27 -27.67 -2.01
CA ASN F 73 2.62 -27.42 -2.53
C ASN F 73 3.36 -28.73 -2.80
N SER F 74 3.16 -29.69 -1.89
CA SER F 74 3.76 -31.02 -1.99
C SER F 74 3.24 -31.72 -3.21
N LEU F 75 1.93 -31.93 -3.23
CA LEU F 75 1.31 -32.62 -4.34
C LEU F 75 1.63 -31.93 -5.65
N SER F 76 1.72 -30.60 -5.65
CA SER F 76 2.04 -29.95 -6.91
C SER F 76 3.42 -30.37 -7.39
N PHE F 77 4.33 -30.58 -6.45
CA PHE F 77 5.67 -30.99 -6.80
C PHE F 77 5.65 -32.42 -7.29
N LEU F 78 4.97 -33.26 -6.53
CA LEU F 78 4.84 -34.68 -6.84
C LEU F 78 4.35 -34.92 -8.25
N TYR F 79 3.58 -33.98 -8.78
CA TYR F 79 3.05 -34.08 -10.13
C TYR F 79 3.78 -33.26 -11.15
N LYS F 80 4.46 -32.20 -10.75
CA LYS F 80 5.16 -31.41 -11.73
C LYS F 80 6.51 -32.04 -12.03
N GLU F 81 7.27 -32.38 -11.00
CA GLU F 81 8.60 -33.01 -11.18
C GLU F 81 8.47 -34.50 -11.42
N ILE F 82 8.31 -35.27 -10.35
CA ILE F 82 8.13 -36.71 -10.46
C ILE F 82 6.79 -36.82 -11.19
N LEU F 83 6.58 -37.85 -12.00
CA LEU F 83 5.32 -37.99 -12.73
C LEU F 83 5.08 -36.77 -13.59
N LYS F 84 5.78 -36.66 -14.71
CA LYS F 84 5.60 -35.48 -15.57
C LYS F 84 4.17 -35.20 -16.05
N THR F 85 3.25 -34.94 -15.13
CA THR F 85 1.85 -34.63 -15.45
C THR F 85 1.29 -33.63 -14.42
N PRO F 86 1.65 -32.35 -14.57
CA PRO F 86 1.23 -31.26 -13.69
C PRO F 86 -0.25 -31.21 -13.39
N LEU F 87 -0.58 -30.67 -12.21
CA LEU F 87 -1.95 -30.53 -11.79
C LEU F 87 -2.53 -29.30 -12.46
N SER F 88 -3.80 -29.06 -12.23
CA SER F 88 -4.45 -27.93 -12.85
C SER F 88 -5.50 -27.37 -11.90
N LEU F 89 -5.21 -27.40 -10.61
CA LEU F 89 -6.16 -26.90 -9.63
C LEU F 89 -6.14 -25.39 -9.51
N GLU F 90 -7.23 -24.84 -8.95
CA GLU F 90 -7.40 -23.40 -8.73
C GLU F 90 -7.36 -23.07 -7.24
N ILE F 91 -6.23 -22.54 -6.78
CA ILE F 91 -6.04 -22.17 -5.38
C ILE F 91 -6.90 -20.94 -5.05
N ARG F 92 -8.21 -21.13 -5.06
CA ARG F 92 -9.14 -20.03 -4.77
C ARG F 92 -9.07 -19.69 -3.29
N PHE F 93 -7.86 -19.35 -2.84
CA PHE F 93 -7.58 -18.98 -1.46
C PHE F 93 -8.51 -17.88 -0.94
N GLN F 94 -8.42 -17.81 0.40
CA GLN F 94 -9.22 -16.89 1.22
C GLN F 94 -8.54 -16.53 2.50
N ARG F 95 -7.48 -17.06 2.94
CA ARG F 95 -7.14 -16.31 4.14
C ARG F 95 -5.81 -15.67 3.93
N SER F 96 -5.48 -14.61 4.60
CA SER F 96 -4.20 -14.12 4.14
C SER F 96 -3.08 -14.14 5.12
N GLN F 97 -2.45 -15.25 4.82
CA GLN F 97 -1.34 -15.91 5.38
C GLN F 97 -0.07 -15.11 5.31
N LEU F 98 -0.20 -13.86 5.65
CA LEU F 98 0.91 -12.95 5.72
C LEU F 98 0.91 -12.48 7.13
N GLU F 99 -0.13 -12.95 7.82
CA GLU F 99 -0.39 -12.58 9.19
C GLU F 99 0.54 -13.26 10.17
N ARG F 100 1.58 -12.55 10.57
CA ARG F 100 2.56 -13.11 11.49
C ARG F 100 2.05 -13.21 12.93
N LYS F 101 2.73 -14.04 13.71
CA LYS F 101 2.36 -14.25 15.10
C LYS F 101 2.71 -13.03 15.88
N LEU F 102 2.00 -12.83 16.98
CA LEU F 102 2.29 -11.70 17.83
C LEU F 102 3.45 -12.11 18.71
N PRO F 103 4.61 -11.45 18.56
CA PRO F 103 5.77 -11.78 19.36
C PRO F 103 5.50 -11.67 20.86
N VAL F 104 6.15 -12.53 21.62
CA VAL F 104 6.05 -12.58 23.07
C VAL F 104 7.49 -12.55 23.57
N VAL F 105 7.87 -11.48 24.27
CA VAL F 105 9.25 -11.36 24.76
C VAL F 105 9.38 -11.60 26.25
N LEU F 106 10.58 -11.97 26.66
CA LEU F 106 10.92 -12.23 28.04
C LEU F 106 11.54 -10.99 28.65
N THR F 107 11.29 -10.76 29.94
CA THR F 107 11.87 -9.61 30.61
C THR F 107 13.36 -9.90 30.80
N ARG F 108 14.18 -8.86 30.91
CA ARG F 108 15.61 -9.09 31.10
C ARG F 108 15.80 -9.98 32.33
N ASP F 109 14.88 -9.89 33.27
CA ASP F 109 14.98 -10.70 34.47
C ASP F 109 14.68 -12.17 34.17
N GLU F 110 13.64 -12.40 33.37
CA GLU F 110 13.28 -13.77 33.00
C GLU F 110 14.39 -14.41 32.18
N ILE F 111 15.14 -13.61 31.44
CA ILE F 111 16.23 -14.16 30.67
C ILE F 111 17.38 -14.54 31.58
N ARG F 112 17.68 -13.69 32.56
CA ARG F 112 18.74 -13.99 33.51
C ARG F 112 18.32 -15.26 34.24
N ARG F 113 17.05 -15.28 34.64
CA ARG F 113 16.49 -16.40 35.34
C ARG F 113 16.60 -17.67 34.52
N LEU F 114 16.53 -17.54 33.20
CA LEU F 114 16.59 -18.70 32.31
C LEU F 114 18.01 -19.20 32.18
N LEU F 115 18.92 -18.30 31.88
CA LEU F 115 20.31 -18.69 31.73
C LEU F 115 20.87 -19.34 33.00
N GLU F 116 20.28 -19.07 34.15
CA GLU F 116 20.77 -19.65 35.40
C GLU F 116 20.55 -21.15 35.40
N ILE F 117 19.43 -21.58 34.85
CA ILE F 117 19.12 -23.00 34.81
C ILE F 117 19.68 -23.77 33.61
N VAL F 118 19.87 -23.09 32.49
CA VAL F 118 20.40 -23.75 31.31
C VAL F 118 21.78 -24.26 31.67
N ASP F 119 21.92 -25.59 31.71
CA ASP F 119 23.21 -26.16 32.08
C ASP F 119 24.29 -25.85 31.06
N PRO F 120 25.57 -25.98 31.46
CA PRO F 120 26.71 -25.71 30.59
C PRO F 120 26.60 -26.43 29.28
N LYS F 121 27.52 -26.15 28.38
CA LYS F 121 27.55 -26.78 27.07
C LYS F 121 26.20 -26.74 26.39
N HIS F 122 25.37 -25.81 26.82
CA HIS F 122 24.05 -25.65 26.23
C HIS F 122 23.79 -24.18 26.17
N GLN F 123 24.53 -23.44 26.98
CA GLN F 123 24.28 -22.04 26.99
C GLN F 123 25.06 -21.17 26.06
N LEU F 124 26.09 -21.70 25.43
CA LEU F 124 26.80 -20.84 24.51
C LEU F 124 25.87 -20.57 23.32
N PRO F 125 25.30 -21.64 22.74
CA PRO F 125 24.40 -21.41 21.60
C PRO F 125 23.12 -20.68 22.02
N ILE F 126 22.66 -20.91 23.24
CA ILE F 126 21.47 -20.22 23.69
C ILE F 126 21.75 -18.77 23.93
N LYS F 127 22.91 -18.45 24.50
CA LYS F 127 23.24 -17.06 24.72
C LYS F 127 23.46 -16.38 23.36
N LEU F 128 23.68 -17.14 22.30
CA LEU F 128 23.87 -16.53 21.01
C LEU F 128 22.54 -16.17 20.39
N LEU F 129 21.52 -16.95 20.73
CA LEU F 129 20.18 -16.69 20.20
C LEU F 129 19.72 -15.34 20.74
N TYR F 130 19.92 -15.12 22.03
CA TYR F 130 19.53 -13.85 22.61
C TYR F 130 20.58 -12.78 22.41
N GLY F 131 21.85 -13.14 22.50
CA GLY F 131 22.90 -12.15 22.37
C GLY F 131 23.09 -11.62 20.98
N SER F 132 22.70 -12.39 19.98
CA SER F 132 22.89 -11.93 18.62
C SER F 132 21.63 -12.07 17.80
N GLY F 133 20.55 -12.42 18.49
CA GLY F 133 19.27 -12.58 17.82
C GLY F 133 19.25 -13.64 16.73
N LEU F 134 20.25 -14.51 16.70
CA LEU F 134 20.24 -15.52 15.67
C LEU F 134 18.99 -16.39 15.69
N ARG F 135 18.69 -16.95 14.52
CA ARG F 135 17.58 -17.86 14.34
C ARG F 135 18.19 -19.21 14.65
N LEU F 136 17.41 -20.12 15.21
CA LEU F 136 17.93 -21.43 15.56
C LEU F 136 18.89 -22.06 14.55
N MET F 137 18.45 -22.23 13.31
CA MET F 137 19.36 -22.84 12.36
C MET F 137 20.54 -21.96 11.94
N GLU F 138 20.48 -20.64 12.11
CA GLU F 138 21.64 -19.83 11.71
C GLU F 138 22.75 -20.09 12.75
N CYS F 139 22.33 -20.41 13.96
CA CYS F 139 23.21 -20.68 15.08
C CYS F 139 23.83 -22.05 14.93
N MET F 140 22.99 -23.04 14.63
CA MET F 140 23.48 -24.39 14.43
C MET F 140 24.37 -24.49 13.21
N ARG F 141 24.14 -23.71 12.18
CA ARG F 141 24.98 -23.80 10.98
C ARG F 141 26.14 -22.85 10.93
N LEU F 142 26.48 -22.28 12.09
CA LEU F 142 27.61 -21.36 12.16
C LEU F 142 28.90 -22.13 11.87
N ARG F 143 29.89 -21.43 11.33
CA ARG F 143 31.16 -22.05 11.02
C ARG F 143 32.30 -21.29 11.71
N VAL F 144 33.35 -21.98 12.10
CA VAL F 144 34.47 -21.35 12.80
C VAL F 144 34.79 -20.00 12.16
N GLN F 145 35.02 -20.04 10.87
CA GLN F 145 35.34 -18.84 10.12
C GLN F 145 34.36 -17.68 10.34
N ASP F 146 33.10 -17.99 10.64
CA ASP F 146 32.06 -16.97 10.84
C ASP F 146 32.21 -16.07 12.09
N ILE F 147 32.84 -16.57 13.15
CA ILE F 147 33.01 -15.75 14.35
C ILE F 147 34.15 -14.77 14.17
N ASP F 148 33.87 -13.48 14.36
CA ASP F 148 34.89 -12.45 14.19
C ASP F 148 35.25 -11.78 15.51
N PHE F 149 36.41 -12.12 16.08
CA PHE F 149 36.83 -11.54 17.34
C PHE F 149 37.43 -10.15 17.19
N ASP F 150 37.91 -9.82 16.01
CA ASP F 150 38.50 -8.51 15.80
C ASP F 150 37.48 -7.41 15.90
N TYR F 151 36.36 -7.58 15.20
CA TYR F 151 35.31 -6.57 15.21
C TYR F 151 34.15 -6.96 16.10
N GLY F 152 34.28 -8.06 16.84
CA GLY F 152 33.21 -8.47 17.72
C GLY F 152 31.87 -8.57 16.99
N ALA F 153 31.76 -9.55 16.09
CA ALA F 153 30.54 -9.75 15.29
C ALA F 153 30.52 -11.18 14.75
N ILE F 154 29.38 -11.57 14.19
CA ILE F 154 29.22 -12.89 13.63
C ILE F 154 28.69 -12.70 12.23
N ARG F 155 29.15 -13.50 11.28
CA ARG F 155 28.64 -13.36 9.92
C ARG F 155 27.63 -14.48 9.66
N ILE F 156 26.43 -14.11 9.22
CA ILE F 156 25.41 -15.11 8.94
C ILE F 156 25.16 -15.19 7.47
N TRP F 157 25.28 -16.39 6.91
CA TRP F 157 25.05 -16.60 5.49
C TRP F 157 23.71 -17.27 5.22
N GLN F 158 22.74 -16.47 4.77
CA GLN F 158 21.37 -16.91 4.45
C GLN F 158 21.15 -16.97 2.94
N GLY F 159 20.61 -18.09 2.46
CA GLY F 159 20.39 -18.24 1.04
C GLY F 159 21.69 -18.24 0.26
N LYS F 160 21.61 -18.63 -1.00
CA LYS F 160 22.78 -18.69 -1.88
C LYS F 160 23.08 -17.29 -2.42
N GLY F 161 23.82 -17.23 -3.53
CA GLY F 161 24.16 -15.96 -4.13
C GLY F 161 25.17 -15.18 -3.30
N GLY F 162 25.69 -15.83 -2.25
CA GLY F 162 26.66 -15.19 -1.39
C GLY F 162 26.06 -14.13 -0.50
N LYS F 163 24.75 -14.21 -0.27
CA LYS F 163 24.05 -13.24 0.58
C LYS F 163 24.42 -13.46 2.05
N ASN F 164 24.72 -12.38 2.76
CA ASN F 164 25.05 -12.47 4.17
C ASN F 164 24.58 -11.28 4.98
N ARG F 165 25.00 -11.24 6.24
CA ARG F 165 24.59 -10.20 7.17
C ARG F 165 25.52 -10.29 8.35
N THR F 166 25.84 -9.16 8.96
CA THR F 166 26.76 -9.20 10.10
C THR F 166 26.09 -8.79 11.38
N VAL F 167 25.98 -9.68 12.35
CA VAL F 167 25.31 -9.31 13.58
C VAL F 167 26.29 -8.99 14.71
N THR F 168 25.77 -8.37 15.76
CA THR F 168 26.55 -7.99 16.93
C THR F 168 26.93 -9.24 17.72
N LEU F 169 27.99 -9.15 18.49
CA LEU F 169 28.45 -10.30 19.25
C LEU F 169 28.84 -9.88 20.65
N ALA F 170 28.27 -10.52 21.69
CA ALA F 170 28.62 -10.15 23.06
C ALA F 170 30.07 -10.56 23.35
N LYS F 171 30.92 -9.61 23.72
CA LYS F 171 32.34 -9.90 23.97
C LYS F 171 32.59 -10.72 25.21
N GLU F 172 31.63 -10.74 26.11
CA GLU F 172 31.82 -11.52 27.30
C GLU F 172 31.64 -12.99 26.96
N LEU F 173 31.69 -13.29 25.67
CA LEU F 173 31.52 -14.65 25.20
C LEU F 173 32.75 -15.15 24.43
N TYR F 174 33.76 -14.30 24.32
CA TYR F 174 34.97 -14.67 23.59
C TYR F 174 35.65 -15.94 24.14
N PRO F 175 35.93 -15.97 25.44
CA PRO F 175 36.57 -17.18 25.97
C PRO F 175 35.72 -18.42 25.69
N HIS F 176 34.41 -18.33 25.86
CA HIS F 176 33.57 -19.50 25.59
C HIS F 176 33.67 -19.93 24.13
N LEU F 177 33.71 -18.94 23.24
CA LEU F 177 33.81 -19.21 21.82
C LEU F 177 35.12 -19.89 21.47
N LYS F 178 36.19 -19.43 22.11
CA LYS F 178 37.52 -19.98 21.91
C LYS F 178 37.53 -21.45 22.33
N GLU F 179 36.89 -21.76 23.44
CA GLU F 179 36.84 -23.15 23.87
C GLU F 179 36.13 -23.97 22.81
N GLN F 180 35.06 -23.43 22.22
CA GLN F 180 34.34 -24.17 21.19
C GLN F 180 35.15 -24.37 19.91
N ILE F 181 35.78 -23.32 19.40
CA ILE F 181 36.55 -23.49 18.17
C ILE F 181 37.62 -24.54 18.42
N ALA F 182 38.08 -24.63 19.67
CA ALA F 182 39.10 -25.60 20.07
C ALA F 182 38.52 -27.00 20.01
N LEU F 183 37.42 -27.19 20.73
CA LEU F 183 36.71 -28.47 20.74
C LEU F 183 36.39 -28.84 19.30
N ALA F 184 36.28 -27.83 18.45
CA ALA F 184 35.96 -28.12 17.08
C ALA F 184 37.17 -28.71 16.39
N LYS F 185 38.33 -28.14 16.66
CA LYS F 185 39.55 -28.63 16.03
C LYS F 185 39.94 -29.97 16.64
N ARG F 186 39.50 -30.18 17.88
CA ARG F 186 39.79 -31.43 18.57
C ARG F 186 39.12 -32.57 17.80
N TYR F 187 38.01 -32.27 17.12
CA TYR F 187 37.31 -33.26 16.31
C TYR F 187 37.86 -33.24 14.91
N TYR F 188 38.19 -32.04 14.44
CA TYR F 188 38.73 -31.87 13.10
C TYR F 188 40.04 -32.58 12.94
N ASP F 189 40.84 -32.64 14.01
CA ASP F 189 42.12 -33.31 13.92
C ASP F 189 41.96 -34.83 13.91
N ARG F 190 41.12 -35.32 14.81
CA ARG F 190 40.87 -36.74 14.92
C ARG F 190 40.02 -37.26 13.77
N ASP F 191 39.60 -36.37 12.89
CA ASP F 191 38.77 -36.78 11.78
C ASP F 191 39.44 -36.57 10.45
N LEU F 192 40.28 -35.56 10.36
CA LEU F 192 40.94 -35.23 9.11
C LEU F 192 41.56 -36.45 8.46
N HIS F 193 41.78 -37.49 9.28
CA HIS F 193 42.38 -38.74 8.81
C HIS F 193 41.54 -39.94 9.22
N GLN F 194 40.69 -40.40 8.31
CA GLN F 194 39.85 -41.55 8.56
C GLN F 194 39.39 -42.18 7.26
N LYS F 195 39.68 -41.53 6.17
CA LYS F 195 39.31 -42.06 4.87
C LYS F 195 37.93 -42.68 4.86
N ASN F 196 37.02 -41.90 5.52
CA ASN F 196 35.56 -41.95 5.58
C ASN F 196 35.30 -40.48 5.39
N TYR F 197 35.80 -39.69 6.34
CA TYR F 197 35.62 -38.25 6.32
C TYR F 197 35.70 -37.64 4.94
N GLY F 198 34.60 -37.00 4.53
CA GLY F 198 34.57 -36.36 3.23
C GLY F 198 34.68 -34.86 3.41
N GLY F 199 34.81 -34.46 4.67
CA GLY F 199 34.92 -33.05 5.00
C GLY F 199 33.56 -32.52 5.44
N VAL F 200 33.48 -31.23 5.79
CA VAL F 200 32.21 -30.64 6.21
C VAL F 200 31.29 -30.38 5.02
N TRP F 201 29.98 -30.52 5.25
CA TRP F 201 28.97 -30.29 4.23
C TRP F 201 29.17 -28.88 3.68
N LEU F 202 28.89 -28.67 2.41
CA LEU F 202 29.08 -27.36 1.87
C LEU F 202 28.16 -27.20 0.67
N PRO F 203 27.59 -25.99 0.49
CA PRO F 203 26.68 -25.68 -0.61
C PRO F 203 27.33 -25.97 -1.96
N THR F 204 26.60 -26.67 -2.82
CA THR F 204 27.10 -27.04 -4.13
C THR F 204 27.96 -25.95 -4.79
N ALA F 205 27.44 -24.73 -4.86
CA ALA F 205 28.16 -23.63 -5.48
C ALA F 205 29.51 -23.40 -4.81
N LEU F 206 29.57 -23.52 -3.50
CA LEU F 206 30.82 -23.30 -2.77
C LEU F 206 31.77 -24.46 -2.93
N LYS F 207 31.27 -25.67 -2.67
CA LYS F 207 32.08 -26.88 -2.78
C LYS F 207 32.83 -26.94 -4.09
N GLU F 208 32.20 -26.45 -5.15
CA GLU F 208 32.84 -26.48 -6.45
C GLU F 208 33.72 -25.25 -6.61
N LYS F 209 33.41 -24.21 -5.84
CA LYS F 209 34.19 -22.98 -5.89
C LYS F 209 35.56 -23.25 -5.26
N TYR F 210 35.55 -23.76 -4.04
CA TYR F 210 36.77 -24.09 -3.32
C TYR F 210 36.73 -25.58 -3.04
N PRO F 211 37.14 -26.41 -4.01
CA PRO F 211 37.13 -27.87 -3.86
C PRO F 211 37.88 -28.38 -2.63
N ASN F 212 38.75 -27.56 -2.08
CA ASN F 212 39.52 -27.99 -0.92
C ASN F 212 38.84 -27.56 0.39
N ALA F 213 37.97 -26.58 0.28
CA ALA F 213 37.26 -26.06 1.42
C ALA F 213 36.70 -27.09 2.39
N PRO F 214 36.09 -28.15 1.87
CA PRO F 214 35.53 -29.14 2.79
C PRO F 214 36.51 -29.78 3.75
N TYR F 215 37.80 -29.57 3.49
CA TYR F 215 38.81 -30.19 4.34
C TYR F 215 39.58 -29.22 5.21
N GLU F 216 39.29 -27.94 5.10
CA GLU F 216 39.98 -26.97 5.93
C GLU F 216 39.12 -26.54 7.14
N PHE F 217 39.72 -26.62 8.33
CA PHE F 217 39.04 -26.28 9.57
C PHE F 217 38.18 -25.01 9.51
N ARG F 218 38.67 -24.03 8.76
CA ARG F 218 37.98 -22.76 8.59
C ARG F 218 36.49 -22.92 8.31
N TRP F 219 36.15 -23.82 7.39
CA TRP F 219 34.78 -24.07 7.04
C TRP F 219 34.05 -25.05 7.94
N HIS F 220 34.64 -25.48 9.04
CA HIS F 220 33.93 -26.44 9.87
C HIS F 220 32.92 -25.81 10.85
N TYR F 221 31.86 -26.56 11.16
CA TYR F 221 30.83 -26.07 12.07
C TYR F 221 31.38 -25.75 13.45
N LEU F 222 30.88 -24.65 14.02
CA LEU F 222 31.28 -24.20 15.34
C LEU F 222 30.72 -25.11 16.42
N PHE F 223 29.55 -25.69 16.17
CA PHE F 223 28.97 -26.60 17.15
C PHE F 223 28.79 -27.94 16.51
N PRO F 224 29.86 -28.74 16.43
CA PRO F 224 29.85 -30.08 15.85
C PRO F 224 29.13 -31.12 16.70
N SER F 225 28.61 -32.14 16.04
CA SER F 225 27.92 -33.23 16.73
C SER F 225 28.91 -34.14 17.43
N PHE F 226 28.42 -34.94 18.36
CA PHE F 226 29.27 -35.86 19.09
C PHE F 226 29.89 -36.91 18.19
N GLN F 227 29.25 -37.18 17.06
CA GLN F 227 29.79 -38.18 16.17
C GLN F 227 29.56 -37.95 14.67
N LEU F 228 30.31 -38.67 13.84
CA LEU F 228 30.20 -38.57 12.39
C LEU F 228 28.91 -39.14 11.90
N SER F 229 28.40 -38.59 10.81
CA SER F 229 27.15 -39.05 10.26
C SER F 229 27.30 -39.18 8.76
N LEU F 230 26.31 -39.78 8.11
CA LEU F 230 26.35 -40.00 6.67
C LEU F 230 25.51 -38.98 5.92
N ASP F 231 26.16 -38.21 5.05
CA ASP F 231 25.50 -37.20 4.23
C ASP F 231 24.64 -37.89 3.20
N PRO F 232 23.31 -37.71 3.28
CA PRO F 232 22.39 -38.33 2.34
C PRO F 232 22.49 -37.89 0.87
N GLU F 233 23.10 -36.75 0.60
CA GLU F 233 23.18 -36.32 -0.78
C GLU F 233 24.49 -36.65 -1.47
N SER F 234 25.34 -37.41 -0.79
CA SER F 234 26.64 -37.77 -1.35
C SER F 234 27.16 -39.10 -0.79
N ASP F 235 26.45 -39.63 0.20
CA ASP F 235 26.81 -40.89 0.83
C ASP F 235 28.25 -40.98 1.29
N VAL F 236 28.64 -40.06 2.17
CA VAL F 236 29.98 -40.04 2.71
C VAL F 236 29.83 -39.61 4.15
N MET F 237 30.80 -39.95 4.98
CA MET F 237 30.74 -39.58 6.38
C MET F 237 31.29 -38.17 6.59
N ARG F 238 30.62 -37.40 7.43
CA ARG F 238 31.07 -36.03 7.77
C ARG F 238 30.49 -35.70 9.13
N ARG F 239 31.00 -34.65 9.75
CA ARG F 239 30.51 -34.26 11.07
C ARG F 239 29.51 -33.12 10.92
N HIS F 240 28.28 -33.40 11.38
CA HIS F 240 27.17 -32.46 11.31
C HIS F 240 27.12 -31.65 12.57
N HIS F 241 26.38 -30.55 12.55
CA HIS F 241 26.29 -29.74 13.75
C HIS F 241 25.39 -30.45 14.75
N MET F 242 25.40 -29.98 15.98
CA MET F 242 24.56 -30.63 16.99
C MET F 242 23.09 -30.59 16.54
N ASN F 243 22.33 -31.60 16.94
CA ASN F 243 20.93 -31.67 16.56
C ASN F 243 20.16 -30.51 17.19
N GLU F 244 19.53 -29.70 16.35
CA GLU F 244 18.80 -28.54 16.82
C GLU F 244 17.73 -28.86 17.85
N THR F 245 17.07 -30.00 17.68
CA THR F 245 16.03 -30.40 18.59
C THR F 245 16.56 -30.40 20.01
N VAL F 246 17.86 -30.52 20.16
CA VAL F 246 18.43 -30.53 21.48
C VAL F 246 18.14 -29.22 22.20
N LEU F 247 18.47 -28.10 21.55
CA LEU F 247 18.25 -26.77 22.12
C LEU F 247 16.77 -26.50 22.30
N GLN F 248 15.97 -26.90 21.33
CA GLN F 248 14.55 -26.67 21.44
C GLN F 248 14.00 -27.29 22.71
N LYS F 249 14.47 -28.49 23.02
CA LYS F 249 14.00 -29.17 24.23
C LYS F 249 14.62 -28.49 25.43
N ALA F 250 15.90 -28.16 25.31
CA ALA F 250 16.62 -27.51 26.39
C ALA F 250 15.92 -26.25 26.88
N VAL F 251 15.78 -25.28 25.96
CA VAL F 251 15.14 -24.00 26.26
C VAL F 251 13.79 -24.21 26.91
N ARG F 252 12.98 -25.06 26.29
CA ARG F 252 11.63 -25.32 26.79
C ARG F 252 11.62 -25.80 28.25
N ARG F 253 12.40 -26.82 28.57
CA ARG F 253 12.39 -27.33 29.94
C ARG F 253 13.11 -26.42 30.92
N SER F 254 14.16 -25.76 30.47
CA SER F 254 14.88 -24.87 31.35
C SER F 254 13.97 -23.75 31.83
N ALA F 255 13.13 -23.24 30.93
CA ALA F 255 12.22 -22.16 31.27
C ALA F 255 11.17 -22.70 32.25
N GLN F 256 10.76 -23.94 32.01
CA GLN F 256 9.77 -24.59 32.87
C GLN F 256 10.27 -24.66 34.31
N GLU F 257 11.53 -25.04 34.48
CA GLU F 257 12.14 -25.14 35.81
C GLU F 257 12.44 -23.76 36.35
N ALA F 258 12.76 -22.83 35.47
CA ALA F 258 13.08 -21.48 35.90
C ALA F 258 11.83 -20.81 36.46
N GLY F 259 10.69 -21.45 36.27
CA GLY F 259 9.45 -20.90 36.78
C GLY F 259 8.79 -19.85 35.91
N ILE F 260 9.22 -19.76 34.65
CA ILE F 260 8.65 -18.79 33.73
C ILE F 260 7.35 -19.37 33.21
N GLU F 261 6.28 -18.61 33.34
CA GLU F 261 4.95 -19.06 32.91
C GLU F 261 4.66 -18.95 31.43
N LYS F 262 5.16 -17.91 30.77
CA LYS F 262 4.89 -17.78 29.35
C LYS F 262 5.73 -18.77 28.56
N THR F 263 5.20 -19.19 27.41
CA THR F 263 5.90 -20.14 26.55
C THR F 263 7.24 -19.56 26.13
N VAL F 264 8.29 -20.39 26.17
CA VAL F 264 9.60 -19.95 25.77
C VAL F 264 10.21 -20.90 24.76
N THR F 265 10.61 -20.37 23.61
CA THR F 265 11.23 -21.16 22.56
C THR F 265 12.40 -20.38 22.01
N CYS F 266 13.08 -20.92 21.02
CA CYS F 266 14.22 -20.21 20.49
C CYS F 266 13.81 -18.89 19.89
N HIS F 267 12.70 -18.90 19.17
CA HIS F 267 12.18 -17.67 18.56
C HIS F 267 12.04 -16.64 19.65
N THR F 268 11.48 -17.06 20.77
CA THR F 268 11.30 -16.14 21.85
C THR F 268 12.55 -15.38 22.19
N LEU F 269 13.68 -16.08 22.20
CA LEU F 269 14.90 -15.41 22.55
C LEU F 269 15.22 -14.38 21.49
N ARG F 270 14.94 -14.71 20.24
CA ARG F 270 15.22 -13.77 19.16
C ARG F 270 14.30 -12.53 19.26
N HIS F 271 13.05 -12.74 19.68
CA HIS F 271 12.13 -11.64 19.79
C HIS F 271 12.61 -10.71 20.86
N SER F 272 13.09 -11.29 21.95
CA SER F 272 13.55 -10.51 23.07
C SER F 272 14.76 -9.68 22.68
N PHE F 273 15.60 -10.24 21.82
CA PHE F 273 16.77 -9.53 21.36
C PHE F 273 16.37 -8.27 20.65
N ALA F 274 15.36 -8.40 19.80
CA ALA F 274 14.89 -7.27 19.03
C ALA F 274 14.24 -6.22 19.90
N THR F 275 13.29 -6.66 20.72
CA THR F 275 12.60 -5.72 21.57
C THR F 275 13.56 -5.00 22.49
N HIS F 276 14.42 -5.74 23.19
CA HIS F 276 15.35 -5.10 24.09
C HIS F 276 16.26 -4.09 23.36
N LEU F 277 16.65 -4.36 22.12
CA LEU F 277 17.49 -3.39 21.43
C LEU F 277 16.69 -2.11 21.26
N LEU F 278 15.42 -2.25 20.88
CA LEU F 278 14.58 -1.09 20.69
C LEU F 278 14.40 -0.32 21.98
N GLU F 279 14.03 -1.00 23.06
CA GLU F 279 13.84 -0.33 24.34
C GLU F 279 15.03 0.51 24.75
N VAL F 280 16.23 0.12 24.33
CA VAL F 280 17.41 0.90 24.71
C VAL F 280 17.64 2.04 23.74
N GLY F 281 16.74 2.18 22.78
CA GLY F 281 16.88 3.27 21.83
C GLY F 281 17.45 2.96 20.46
N ALA F 282 17.66 1.70 20.11
CA ALA F 282 18.20 1.43 18.79
C ALA F 282 17.16 1.81 17.74
N ASP F 283 17.63 2.19 16.55
CA ASP F 283 16.74 2.58 15.44
C ASP F 283 16.16 1.33 14.74
N ILE F 284 14.87 1.33 14.40
CA ILE F 284 14.34 0.15 13.75
C ILE F 284 15.16 -0.30 12.56
N ARG F 285 15.67 0.62 11.75
CA ARG F 285 16.43 0.20 10.57
C ARG F 285 17.64 -0.60 11.04
N THR F 286 18.17 -0.24 12.21
CA THR F 286 19.31 -0.93 12.75
C THR F 286 18.94 -2.32 13.18
N VAL F 287 17.85 -2.42 13.94
CA VAL F 287 17.41 -3.70 14.39
C VAL F 287 17.02 -4.52 13.18
N GLN F 288 16.53 -3.85 12.15
CA GLN F 288 16.11 -4.52 10.94
C GLN F 288 17.32 -5.17 10.32
N GLU F 289 18.43 -4.45 10.40
CA GLU F 289 19.71 -4.91 9.87
C GLU F 289 20.17 -6.10 10.68
N GLN F 290 20.11 -5.96 12.01
CA GLN F 290 20.55 -7.03 12.90
C GLN F 290 19.84 -8.34 12.63
N LEU F 291 18.53 -8.27 12.42
CA LEU F 291 17.77 -9.46 12.08
C LEU F 291 18.02 -9.54 10.59
N GLY F 292 17.27 -10.33 9.85
CA GLY F 292 17.58 -10.30 8.43
C GLY F 292 16.47 -9.66 7.62
N HIS F 293 15.56 -8.95 8.28
CA HIS F 293 14.43 -8.35 7.61
C HIS F 293 14.77 -7.51 6.40
N THR F 294 14.14 -7.80 5.28
CA THR F 294 14.39 -7.01 4.10
C THR F 294 13.35 -5.89 4.05
N ASP F 295 12.34 -5.98 4.91
CA ASP F 295 11.27 -5.00 4.97
C ASP F 295 11.03 -4.54 6.39
N VAL F 296 11.24 -3.27 6.66
CA VAL F 296 11.02 -2.74 8.01
C VAL F 296 9.68 -3.09 8.59
N LYS F 297 8.66 -3.20 7.75
CA LYS F 297 7.34 -3.51 8.29
C LYS F 297 7.42 -4.74 9.17
N THR F 298 8.25 -5.71 8.77
CA THR F 298 8.43 -6.93 9.55
C THR F 298 8.99 -6.58 10.91
N THR F 299 10.08 -5.83 10.92
CA THR F 299 10.70 -5.46 12.16
C THR F 299 9.78 -4.66 13.04
N GLN F 300 8.89 -3.89 12.42
CA GLN F 300 8.03 -3.03 13.22
C GLN F 300 7.11 -3.69 14.21
N ILE F 301 6.80 -4.97 14.00
CA ILE F 301 5.93 -5.67 14.92
C ILE F 301 6.48 -5.60 16.34
N TYR F 302 7.79 -5.64 16.48
CA TYR F 302 8.40 -5.58 17.81
C TYR F 302 8.20 -4.24 18.45
N THR F 303 7.67 -3.33 17.67
CA THR F 303 7.46 -1.99 18.16
C THR F 303 6.14 -1.82 18.88
N HIS F 304 5.14 -2.56 18.40
CA HIS F 304 3.79 -2.50 18.92
C HIS F 304 3.62 -2.63 20.41
N VAL F 305 4.05 -3.74 20.97
CA VAL F 305 3.88 -3.89 22.40
C VAL F 305 4.47 -2.67 23.10
N LEU F 306 5.48 -2.04 22.53
CA LEU F 306 6.06 -0.87 23.18
C LEU F 306 5.19 0.37 23.13
N ASP F 307 5.17 1.02 21.98
CA ASP F 307 4.41 2.25 21.82
C ASP F 307 2.97 2.07 21.33
N ARG F 308 2.49 0.84 21.30
CA ARG F 308 1.12 0.65 20.88
C ARG F 308 0.38 0.14 22.11
N GLY F 309 1.13 -0.02 23.20
CA GLY F 309 0.58 -0.47 24.48
C GLY F 309 0.44 0.70 25.44
N ALA F 310 0.29 0.42 26.74
CA ALA F 310 0.09 1.48 27.71
C ALA F 310 1.07 2.63 27.68
N SER F 311 2.35 2.33 27.51
CA SER F 311 3.34 3.36 27.51
C SER F 311 3.22 4.29 26.32
N GLY F 312 2.49 3.88 25.28
CA GLY F 312 2.34 4.74 24.11
C GLY F 312 0.94 5.28 23.89
N VAL F 313 -0.06 4.50 24.28
CA VAL F 313 -1.45 4.88 24.11
C VAL F 313 -2.15 4.71 25.41
N LEU F 314 -2.64 5.80 25.96
CA LEU F 314 -3.31 5.75 27.22
C LEU F 314 -4.77 5.30 27.10
N SER F 315 -5.10 4.18 27.74
CA SER F 315 -6.46 3.67 27.70
C SER F 315 -7.49 4.71 28.11
N PRO F 316 -8.61 4.84 27.38
CA PRO F 316 -9.62 5.83 27.75
C PRO F 316 -10.19 5.53 29.13
N LEU F 317 -10.13 4.27 29.54
CA LEU F 317 -10.63 3.88 30.85
C LEU F 317 -9.74 4.44 31.93
N SER F 318 -8.49 4.74 31.57
CA SER F 318 -7.55 5.29 32.53
C SER F 318 -7.85 6.74 32.81
N ARG F 319 -8.86 7.29 32.17
CA ARG F 319 -9.20 8.69 32.43
C ARG F 319 -10.56 8.75 33.10
N LEU F 320 -11.61 8.46 32.36
CA LEU F 320 -12.96 8.50 32.93
C LEU F 320 -13.71 7.22 32.53
N MET G 1 -31.60 -34.37 -4.13
CA MET G 1 -31.35 -33.93 -2.73
C MET G 1 -30.94 -32.47 -2.66
N GLY G 2 -31.91 -31.61 -2.34
CA GLY G 2 -31.63 -30.19 -2.23
C GLY G 2 -30.71 -29.91 -1.04
N SER G 3 -30.95 -30.60 0.07
CA SER G 3 -30.15 -30.42 1.28
C SER G 3 -28.73 -30.88 1.01
N GLN G 4 -28.54 -31.60 -0.09
CA GLN G 4 -27.22 -32.07 -0.45
C GLN G 4 -26.50 -30.98 -1.22
N PHE G 5 -27.25 -30.22 -2.02
CA PHE G 5 -26.67 -29.13 -2.79
C PHE G 5 -26.16 -28.06 -1.83
N LEU G 6 -26.92 -27.84 -0.78
CA LEU G 6 -26.55 -26.87 0.22
C LEU G 6 -25.32 -27.39 0.94
N LEU G 7 -25.21 -28.70 1.07
CA LEU G 7 -24.07 -29.25 1.76
C LEU G 7 -22.83 -29.15 0.89
N SER G 8 -23.00 -29.24 -0.42
CA SER G 8 -21.85 -29.14 -1.31
C SER G 8 -21.36 -27.70 -1.32
N VAL G 9 -22.29 -26.76 -1.18
CA VAL G 9 -21.94 -25.34 -1.16
C VAL G 9 -21.15 -25.05 0.11
N ARG G 10 -21.57 -25.63 1.22
CA ARG G 10 -20.89 -25.46 2.48
C ARG G 10 -19.48 -26.03 2.38
N GLU G 11 -19.33 -27.16 1.70
CA GLU G 11 -18.00 -27.79 1.54
C GLU G 11 -17.09 -26.94 0.67
N PHE G 12 -17.64 -26.37 -0.39
CA PHE G 12 -16.88 -25.55 -1.31
C PHE G 12 -16.22 -24.43 -0.56
N MET G 13 -17.06 -23.70 0.17
CA MET G 13 -16.64 -22.57 0.96
C MET G 13 -15.66 -22.96 2.05
N GLN G 14 -15.89 -24.07 2.75
CA GLN G 14 -14.93 -24.44 3.79
C GLN G 14 -13.55 -24.71 3.23
N THR G 15 -13.46 -25.24 2.01
CA THR G 15 -12.15 -25.55 1.43
C THR G 15 -11.42 -24.28 1.06
N ARG G 16 -12.17 -23.33 0.52
CA ARG G 16 -11.64 -22.03 0.12
C ARG G 16 -11.43 -21.19 1.40
N TYR G 17 -11.54 -21.84 2.55
CA TYR G 17 -11.38 -21.16 3.83
C TYR G 17 -12.15 -19.87 4.05
N TYR G 18 -13.40 -19.81 3.67
CA TYR G 18 -14.21 -18.62 3.93
C TYR G 18 -14.44 -18.63 5.44
N ALA G 19 -14.70 -17.49 6.05
CA ALA G 19 -14.94 -17.45 7.48
C ALA G 19 -16.16 -18.31 7.83
N LYS G 20 -16.27 -18.78 9.07
CA LYS G 20 -17.43 -19.59 9.41
C LYS G 20 -18.70 -18.75 9.31
N LYS G 21 -18.69 -17.59 9.95
CA LYS G 21 -19.85 -16.71 9.94
C LYS G 21 -20.25 -16.35 8.52
N THR G 22 -19.27 -16.28 7.62
CA THR G 22 -19.61 -15.94 6.25
C THR G 22 -20.39 -17.07 5.64
N ILE G 23 -19.95 -18.28 5.92
CA ILE G 23 -20.65 -19.45 5.38
C ILE G 23 -22.10 -19.46 5.88
N GLU G 24 -22.30 -19.27 7.17
CA GLU G 24 -23.65 -19.28 7.68
C GLU G 24 -24.47 -18.19 7.01
N ALA G 25 -23.93 -16.98 6.94
CA ALA G 25 -24.65 -15.87 6.34
C ALA G 25 -25.07 -16.19 4.91
N TYR G 26 -24.11 -16.59 4.07
CA TYR G 26 -24.43 -16.91 2.69
C TYR G 26 -25.44 -18.04 2.57
N LEU G 27 -25.20 -19.12 3.30
CA LEU G 27 -26.10 -20.27 3.26
C LEU G 27 -27.52 -19.83 3.59
N HIS G 28 -27.68 -19.20 4.75
CA HIS G 28 -29.00 -18.72 5.17
C HIS G 28 -29.75 -17.94 4.09
N TRP G 29 -29.07 -17.09 3.33
CA TRP G 29 -29.76 -16.34 2.29
C TRP G 29 -29.95 -17.18 1.04
N ILE G 30 -29.07 -18.15 0.83
CA ILE G 30 -29.19 -19.04 -0.31
C ILE G 30 -30.37 -19.93 0.02
N THR G 31 -30.39 -20.38 1.27
CA THR G 31 -31.45 -21.24 1.74
C THR G 31 -32.82 -20.61 1.56
N ARG G 32 -33.06 -19.47 2.19
CA ARG G 32 -34.39 -18.87 2.06
C ARG G 32 -34.60 -18.16 0.73
N TYR G 33 -33.77 -18.50 -0.24
CA TYR G 33 -33.93 -17.93 -1.55
C TYR G 33 -34.66 -18.99 -2.33
N ILE G 34 -34.12 -20.21 -2.29
CA ILE G 34 -34.72 -21.35 -2.98
C ILE G 34 -36.01 -21.67 -2.24
N HIS G 35 -36.00 -21.42 -0.94
CA HIS G 35 -37.17 -21.63 -0.12
C HIS G 35 -38.27 -20.69 -0.61
N PHE G 36 -37.88 -19.47 -0.98
CA PHE G 36 -38.83 -18.48 -1.49
C PHE G 36 -39.61 -19.14 -2.60
N HIS G 37 -38.90 -19.48 -3.66
CA HIS G 37 -39.56 -20.17 -4.75
C HIS G 37 -39.89 -21.54 -4.21
N ASN G 38 -40.84 -22.25 -4.83
CA ASN G 38 -41.07 -23.64 -4.42
C ASN G 38 -39.68 -24.30 -4.52
N LYS G 39 -39.22 -25.06 -3.50
CA LYS G 39 -37.82 -25.52 -3.64
C LYS G 39 -37.49 -26.17 -4.99
N LYS G 40 -37.17 -25.20 -5.92
CA LYS G 40 -36.75 -25.31 -7.33
C LYS G 40 -35.23 -25.02 -7.40
N HIS G 41 -34.50 -25.70 -8.29
CA HIS G 41 -33.06 -25.58 -8.29
C HIS G 41 -32.56 -24.28 -8.89
N PRO G 42 -31.68 -23.60 -8.15
CA PRO G 42 -31.13 -22.33 -8.59
C PRO G 42 -30.40 -22.39 -9.92
N SER G 43 -30.05 -23.59 -10.36
CA SER G 43 -29.33 -23.74 -11.62
C SER G 43 -30.27 -23.43 -12.78
N LEU G 44 -31.55 -23.61 -12.54
CA LEU G 44 -32.58 -23.38 -13.54
C LEU G 44 -33.17 -21.97 -13.38
N MET G 45 -32.52 -21.14 -12.58
CA MET G 45 -32.97 -19.77 -12.36
C MET G 45 -31.89 -18.75 -12.72
N GLY G 46 -32.21 -17.48 -12.57
CA GLY G 46 -31.24 -16.45 -12.91
C GLY G 46 -31.66 -15.06 -12.47
N ASP G 47 -31.18 -14.06 -13.19
CA ASP G 47 -31.47 -12.67 -12.89
C ASP G 47 -32.91 -12.42 -12.52
N LYS G 48 -33.81 -12.94 -13.34
CA LYS G 48 -35.25 -12.80 -13.16
C LYS G 48 -35.72 -13.20 -11.75
N GLU G 49 -35.51 -14.46 -11.40
CA GLU G 49 -35.94 -14.97 -10.10
C GLU G 49 -35.26 -14.26 -8.95
N VAL G 50 -34.06 -13.76 -9.19
CA VAL G 50 -33.31 -13.07 -8.15
C VAL G 50 -33.92 -11.71 -7.87
N GLU G 51 -34.10 -10.91 -8.92
CA GLU G 51 -34.65 -9.58 -8.76
C GLU G 51 -36.08 -9.60 -8.26
N GLU G 52 -36.54 -10.77 -7.82
CA GLU G 52 -37.89 -10.92 -7.28
C GLU G 52 -37.73 -11.19 -5.79
N PHE G 53 -36.82 -12.10 -5.46
CA PHE G 53 -36.59 -12.43 -4.07
C PHE G 53 -36.11 -11.21 -3.31
N LEU G 54 -35.20 -10.47 -3.93
CA LEU G 54 -34.67 -9.28 -3.30
C LEU G 54 -35.79 -8.27 -3.09
N THR G 55 -36.60 -8.06 -4.13
CA THR G 55 -37.73 -7.12 -4.06
C THR G 55 -38.74 -7.61 -3.02
N TYR G 56 -38.83 -8.93 -2.89
CA TYR G 56 -39.71 -9.54 -1.90
C TYR G 56 -39.18 -9.23 -0.50
N LEU G 57 -37.86 -9.09 -0.37
CA LEU G 57 -37.26 -8.81 0.93
C LEU G 57 -37.54 -7.36 1.33
N ALA G 58 -37.36 -6.46 0.37
CA ALA G 58 -37.59 -5.04 0.60
C ALA G 58 -39.07 -4.86 0.96
N VAL G 59 -39.92 -4.99 -0.07
CA VAL G 59 -41.38 -4.87 0.07
C VAL G 59 -41.88 -6.07 0.86
N GLN G 60 -43.00 -5.94 1.56
CA GLN G 60 -43.56 -7.06 2.33
C GLN G 60 -42.51 -7.80 3.14
N GLY G 61 -41.41 -7.11 3.45
CA GLY G 61 -40.33 -7.71 4.22
C GLY G 61 -39.67 -6.69 5.14
N LYS G 62 -39.76 -5.41 4.75
CA LYS G 62 -39.20 -4.32 5.52
C LYS G 62 -37.77 -4.61 5.95
N VAL G 63 -37.06 -5.34 5.11
CA VAL G 63 -35.69 -5.71 5.38
C VAL G 63 -34.80 -4.46 5.34
N ALA G 64 -33.78 -4.45 6.19
CA ALA G 64 -32.86 -3.32 6.26
C ALA G 64 -32.01 -3.29 5.00
N THR G 65 -31.67 -2.09 4.55
CA THR G 65 -30.86 -1.94 3.35
C THR G 65 -29.61 -2.85 3.39
N LYS G 66 -28.98 -2.93 4.56
CA LYS G 66 -27.81 -3.78 4.74
C LYS G 66 -28.21 -5.24 4.58
N THR G 67 -29.35 -5.61 5.17
CA THR G 67 -29.84 -6.98 5.10
C THR G 67 -30.04 -7.36 3.66
N GLN G 68 -30.61 -6.46 2.89
CA GLN G 68 -30.81 -6.76 1.50
C GLN G 68 -29.47 -6.96 0.83
N SER G 69 -28.49 -6.13 1.19
CA SER G 69 -27.15 -6.22 0.59
C SER G 69 -26.48 -7.55 0.79
N LEU G 70 -26.60 -8.09 2.00
CA LEU G 70 -25.98 -9.36 2.29
C LEU G 70 -26.63 -10.37 1.34
N ALA G 71 -27.96 -10.39 1.31
CA ALA G 71 -28.68 -11.30 0.44
C ALA G 71 -28.18 -11.18 -1.00
N LEU G 72 -28.12 -9.95 -1.51
CA LEU G 72 -27.65 -9.75 -2.88
C LEU G 72 -26.31 -10.41 -3.12
N ASN G 73 -25.38 -10.25 -2.16
CA ASN G 73 -24.06 -10.83 -2.31
C ASN G 73 -24.09 -12.33 -2.21
N SER G 74 -24.85 -12.86 -1.25
CA SER G 74 -24.94 -14.30 -1.11
C SER G 74 -25.39 -14.89 -2.44
N LEU G 75 -26.46 -14.32 -3.00
CA LEU G 75 -26.95 -14.83 -4.25
C LEU G 75 -25.94 -14.72 -5.33
N SER G 76 -25.29 -13.56 -5.41
CA SER G 76 -24.29 -13.37 -6.45
C SER G 76 -23.17 -14.40 -6.30
N PHE G 77 -22.82 -14.73 -5.05
CA PHE G 77 -21.78 -15.71 -4.80
C PHE G 77 -22.18 -17.04 -5.42
N LEU G 78 -23.39 -17.49 -5.07
CA LEU G 78 -23.94 -18.74 -5.57
C LEU G 78 -23.82 -18.84 -7.07
N TYR G 79 -24.28 -17.82 -7.77
CA TYR G 79 -24.23 -17.86 -9.22
C TYR G 79 -22.86 -17.62 -9.84
N LYS G 80 -21.85 -17.23 -9.07
CA LYS G 80 -20.57 -17.00 -9.70
C LYS G 80 -19.54 -18.06 -9.36
N GLU G 81 -19.49 -18.42 -8.08
CA GLU G 81 -18.55 -19.41 -7.59
C GLU G 81 -19.05 -20.85 -7.69
N ILE G 82 -20.32 -21.07 -7.35
CA ILE G 82 -20.91 -22.41 -7.42
C ILE G 82 -21.28 -22.75 -8.87
N LEU G 83 -22.42 -22.24 -9.33
CA LEU G 83 -22.84 -22.49 -10.71
C LEU G 83 -22.15 -21.43 -11.55
N LYS G 84 -20.98 -21.73 -12.09
CA LYS G 84 -20.21 -20.74 -12.87
C LYS G 84 -21.00 -20.04 -13.99
N THR G 85 -21.95 -19.22 -13.58
CA THR G 85 -22.80 -18.47 -14.49
C THR G 85 -23.27 -17.24 -13.74
N PRO G 86 -22.41 -16.21 -13.66
CA PRO G 86 -22.66 -14.95 -12.97
C PRO G 86 -23.89 -14.15 -13.40
N LEU G 87 -24.58 -13.56 -12.42
CA LEU G 87 -25.74 -12.75 -12.68
C LEU G 87 -25.30 -11.48 -13.43
N SER G 88 -26.24 -10.64 -13.85
CA SER G 88 -25.89 -9.41 -14.55
C SER G 88 -25.76 -8.31 -13.51
N LEU G 89 -25.06 -7.23 -13.86
CA LEU G 89 -24.89 -6.12 -12.93
C LEU G 89 -25.98 -5.07 -13.08
N GLU G 90 -27.07 -5.45 -13.72
CA GLU G 90 -28.17 -4.50 -13.94
C GLU G 90 -29.43 -4.93 -13.24
N ILE G 91 -29.40 -6.09 -12.61
CA ILE G 91 -30.56 -6.61 -11.89
C ILE G 91 -31.23 -5.53 -11.04
N ARG G 92 -32.35 -5.00 -11.54
CA ARG G 92 -33.08 -3.97 -10.82
C ARG G 92 -34.12 -4.56 -9.88
N PHE G 93 -34.13 -4.08 -8.65
CA PHE G 93 -35.07 -4.55 -7.64
C PHE G 93 -35.38 -3.45 -6.64
N GLN G 94 -36.47 -3.61 -5.90
CA GLN G 94 -36.89 -2.62 -4.90
C GLN G 94 -35.85 -2.51 -3.79
N ARG G 95 -35.19 -1.36 -3.70
CA ARG G 95 -34.18 -1.13 -2.67
C ARG G 95 -34.87 -0.75 -1.36
N SER G 96 -34.36 -1.25 -0.24
CA SER G 96 -34.96 -0.94 1.05
C SER G 96 -35.01 0.56 1.30
N GLN G 97 -35.72 0.94 2.36
CA GLN G 97 -35.87 2.33 2.74
C GLN G 97 -35.35 2.62 4.14
N LEU G 98 -35.51 1.67 5.06
CA LEU G 98 -35.06 1.83 6.44
C LEU G 98 -33.59 2.30 6.52
N GLU G 99 -33.41 3.55 6.92
CA GLU G 99 -32.06 4.15 7.04
C GLU G 99 -31.44 3.85 8.40
N ARG G 100 -30.26 3.21 8.37
CA ARG G 100 -29.54 2.86 9.58
C ARG G 100 -29.31 4.07 10.50
N LYS G 101 -29.69 3.92 11.77
CA LYS G 101 -29.54 4.98 12.74
C LYS G 101 -28.06 5.27 13.00
N LEU G 102 -27.73 6.55 13.18
CA LEU G 102 -26.35 6.96 13.43
C LEU G 102 -25.68 6.15 14.54
N PRO G 103 -24.38 5.83 14.38
CA PRO G 103 -23.66 5.05 15.39
C PRO G 103 -23.72 5.72 16.76
N VAL G 104 -24.35 5.05 17.72
CA VAL G 104 -24.48 5.58 19.06
C VAL G 104 -23.13 5.63 19.77
N VAL G 105 -22.84 6.73 20.46
CA VAL G 105 -21.57 6.88 21.18
C VAL G 105 -21.79 7.53 22.54
N LEU G 106 -21.50 6.79 23.60
CA LEU G 106 -21.65 7.28 24.95
C LEU G 106 -20.70 8.44 25.22
N THR G 107 -20.72 8.92 26.46
CA THR G 107 -19.87 10.03 26.89
C THR G 107 -19.14 9.63 28.16
N ARG G 108 -18.05 10.32 28.43
CA ARG G 108 -17.26 10.04 29.62
C ARG G 108 -18.11 9.69 30.81
N ASP G 109 -18.93 10.65 31.24
CA ASP G 109 -19.77 10.45 32.41
C ASP G 109 -20.78 9.32 32.23
N GLU G 110 -21.29 9.19 31.01
CA GLU G 110 -22.24 8.13 30.75
C GLU G 110 -21.54 6.81 31.02
N ILE G 111 -20.40 6.58 30.37
CA ILE G 111 -19.65 5.34 30.57
C ILE G 111 -19.25 5.22 32.02
N ARG G 112 -18.84 6.33 32.60
CA ARG G 112 -18.45 6.37 34.00
C ARG G 112 -19.58 5.82 34.86
N ARG G 113 -20.81 6.23 34.57
CA ARG G 113 -21.96 5.77 35.34
C ARG G 113 -22.37 4.37 34.96
N LEU G 114 -22.08 4.00 33.72
CA LEU G 114 -22.42 2.67 33.23
C LEU G 114 -21.61 1.61 33.96
N LEU G 115 -20.32 1.86 34.16
CA LEU G 115 -19.44 0.90 34.82
C LEU G 115 -19.72 0.76 36.31
N GLU G 116 -20.68 1.54 36.78
CA GLU G 116 -21.02 1.52 38.18
C GLU G 116 -22.00 0.41 38.55
N ILE G 117 -23.24 0.59 38.16
CA ILE G 117 -24.28 -0.39 38.46
C ILE G 117 -24.10 -1.75 37.79
N VAL G 118 -22.85 -2.15 37.62
CA VAL G 118 -22.57 -3.45 37.01
C VAL G 118 -21.92 -4.35 38.05
N ASP G 119 -22.49 -5.52 38.26
CA ASP G 119 -21.93 -6.44 39.25
C ASP G 119 -20.51 -6.82 38.91
N PRO G 120 -19.68 -7.03 39.94
CA PRO G 120 -18.28 -7.41 39.74
C PRO G 120 -18.10 -8.58 38.79
N LYS G 121 -19.12 -9.42 38.68
CA LYS G 121 -19.06 -10.60 37.82
C LYS G 121 -18.81 -10.23 36.36
N HIS G 122 -19.11 -8.99 35.99
CA HIS G 122 -18.95 -8.54 34.62
C HIS G 122 -18.20 -7.21 34.50
N GLN G 123 -17.68 -6.72 35.61
CA GLN G 123 -16.97 -5.44 35.58
C GLN G 123 -15.68 -5.45 34.77
N LEU G 124 -14.90 -6.52 34.89
CA LEU G 124 -13.66 -6.60 34.16
C LEU G 124 -13.89 -6.70 32.66
N PRO G 125 -14.70 -7.67 32.21
CA PRO G 125 -14.96 -7.83 30.79
C PRO G 125 -15.43 -6.57 30.09
N ILE G 126 -16.43 -5.92 30.64
CA ILE G 126 -16.92 -4.73 29.98
C ILE G 126 -15.90 -3.60 30.06
N LYS G 127 -15.07 -3.62 31.09
CA LYS G 127 -14.06 -2.58 31.19
C LYS G 127 -13.01 -2.77 30.09
N LEU G 128 -12.85 -4.01 29.63
CA LEU G 128 -11.90 -4.26 28.57
C LEU G 128 -12.50 -3.83 27.23
N LEU G 129 -13.82 -3.95 27.12
CA LEU G 129 -14.49 -3.54 25.89
C LEU G 129 -14.33 -2.06 25.64
N TYR G 130 -14.23 -1.29 26.72
CA TYR G 130 -14.09 0.14 26.57
C TYR G 130 -12.64 0.57 26.74
N GLY G 131 -11.96 -0.06 27.71
CA GLY G 131 -10.58 0.28 27.98
C GLY G 131 -9.61 -0.10 26.87
N SER G 132 -9.94 -1.14 26.12
CA SER G 132 -9.07 -1.59 25.05
C SER G 132 -9.86 -1.78 23.77
N GLY G 133 -11.01 -1.12 23.70
CA GLY G 133 -11.84 -1.23 22.51
C GLY G 133 -12.00 -2.63 21.92
N LEU G 134 -12.05 -3.65 22.75
CA LEU G 134 -12.20 -5.02 22.22
C LEU G 134 -13.60 -5.30 21.70
N ARG G 135 -13.69 -6.25 20.77
CA ARG G 135 -14.99 -6.66 20.27
C ARG G 135 -15.48 -7.68 21.27
N LEU G 136 -16.78 -7.95 21.27
CA LEU G 136 -17.36 -8.89 22.22
C LEU G 136 -16.64 -10.24 22.27
N MET G 137 -16.64 -10.96 21.16
CA MET G 137 -15.97 -12.24 21.11
C MET G 137 -14.46 -12.13 21.34
N GLU G 138 -13.84 -11.01 20.97
CA GLU G 138 -12.40 -10.88 21.20
C GLU G 138 -12.14 -10.96 22.68
N CYS G 139 -12.97 -10.26 23.45
CA CYS G 139 -12.80 -10.25 24.89
C CYS G 139 -13.10 -11.60 25.51
N MET G 140 -14.17 -12.24 25.07
CA MET G 140 -14.55 -13.52 25.58
C MET G 140 -13.57 -14.63 25.24
N ARG G 141 -12.88 -14.52 24.13
CA ARG G 141 -11.93 -15.57 23.75
C ARG G 141 -10.52 -15.39 24.31
N LEU G 142 -10.27 -14.31 25.05
CA LEU G 142 -8.96 -14.07 25.61
C LEU G 142 -8.40 -15.28 26.36
N ARG G 143 -7.07 -15.40 26.45
CA ARG G 143 -6.47 -16.51 27.15
C ARG G 143 -5.44 -15.97 28.12
N VAL G 144 -5.13 -16.73 29.15
CA VAL G 144 -4.18 -16.26 30.15
C VAL G 144 -2.89 -15.65 29.59
N GLN G 145 -2.28 -16.31 28.62
CA GLN G 145 -1.05 -15.80 28.02
C GLN G 145 -1.24 -14.51 27.21
N ASP G 146 -2.48 -14.21 26.86
CA ASP G 146 -2.77 -13.03 26.06
C ASP G 146 -2.63 -11.69 26.79
N ILE G 147 -2.57 -11.73 28.12
CA ILE G 147 -2.42 -10.47 28.84
C ILE G 147 -0.95 -10.19 29.12
N ASP G 148 -0.48 -9.04 28.66
CA ASP G 148 0.91 -8.66 28.84
C ASP G 148 1.08 -7.61 29.94
N PHE G 149 1.64 -8.03 31.08
CA PHE G 149 1.83 -7.10 32.18
C PHE G 149 3.16 -6.37 32.08
N ASP G 150 4.12 -6.94 31.36
CA ASP G 150 5.43 -6.31 31.20
C ASP G 150 5.30 -4.99 30.44
N TYR G 151 4.29 -4.92 29.59
CA TYR G 151 4.03 -3.72 28.82
C TYR G 151 2.52 -3.62 28.99
N GLY G 152 1.96 -2.43 29.08
CA GLY G 152 0.51 -2.43 29.24
C GLY G 152 -0.15 -2.82 27.92
N ALA G 153 -0.35 -4.10 27.68
CA ALA G 153 -0.98 -4.48 26.42
C ALA G 153 -1.71 -5.81 26.44
N ILE G 154 -2.50 -6.04 25.41
CA ILE G 154 -3.24 -7.28 25.27
C ILE G 154 -3.06 -7.78 23.84
N ARG G 155 -2.76 -9.06 23.71
CA ARG G 155 -2.57 -9.65 22.40
C ARG G 155 -3.90 -10.21 21.92
N ILE G 156 -4.46 -9.62 20.87
CA ILE G 156 -5.73 -10.11 20.36
C ILE G 156 -5.41 -10.99 19.18
N TRP G 157 -5.50 -12.29 19.39
CA TRP G 157 -5.17 -13.21 18.32
C TRP G 157 -6.32 -13.47 17.37
N GLN G 158 -6.01 -13.47 16.08
CA GLN G 158 -7.02 -13.76 15.08
C GLN G 158 -8.35 -13.02 15.23
N GLY G 159 -8.34 -11.70 15.24
CA GLY G 159 -9.58 -10.94 15.37
C GLY G 159 -10.31 -11.00 14.04
N LYS G 160 -11.37 -10.23 13.87
CA LYS G 160 -12.11 -10.28 12.62
C LYS G 160 -11.23 -10.39 11.40
N GLY G 161 -11.50 -11.35 10.55
CA GLY G 161 -10.71 -11.53 9.34
C GLY G 161 -9.30 -12.04 9.56
N GLY G 162 -9.14 -12.96 10.50
CA GLY G 162 -7.84 -13.53 10.78
C GLY G 162 -6.68 -12.54 10.80
N LYS G 163 -6.78 -11.53 11.66
CA LYS G 163 -5.74 -10.52 11.79
C LYS G 163 -5.34 -10.41 13.23
N ASN G 164 -4.03 -10.34 13.49
CA ASN G 164 -3.61 -10.25 14.87
C ASN G 164 -3.27 -8.83 15.16
N ARG G 165 -3.44 -8.41 16.41
CA ARG G 165 -3.09 -7.06 16.76
C ARG G 165 -2.77 -6.96 18.23
N THR G 166 -2.09 -5.87 18.61
CA THR G 166 -1.70 -5.64 19.99
C THR G 166 -2.38 -4.36 20.42
N VAL G 167 -3.20 -4.47 21.44
CA VAL G 167 -3.95 -3.32 21.87
C VAL G 167 -3.45 -2.82 23.22
N THR G 168 -3.81 -1.59 23.58
CA THR G 168 -3.39 -1.05 24.87
C THR G 168 -4.22 -1.60 26.02
N LEU G 169 -3.67 -1.55 27.23
CA LEU G 169 -4.32 -2.03 28.46
C LEU G 169 -4.34 -0.91 29.48
N ALA G 170 -5.31 -0.90 30.38
CA ALA G 170 -5.32 0.13 31.42
C ALA G 170 -4.62 -0.45 32.66
N LYS G 171 -3.42 0.04 32.94
CA LYS G 171 -2.62 -0.39 34.08
C LYS G 171 -3.43 -0.65 35.36
N GLU G 172 -4.41 0.21 35.63
CA GLU G 172 -5.23 0.07 36.83
C GLU G 172 -5.90 -1.28 36.94
N LEU G 173 -6.03 -1.99 35.83
CA LEU G 173 -6.70 -3.28 35.88
C LEU G 173 -5.78 -4.42 36.26
N TYR G 174 -4.48 -4.17 36.36
CA TYR G 174 -3.55 -5.24 36.68
C TYR G 174 -4.02 -6.08 37.87
N PRO G 175 -4.32 -5.45 39.01
CA PRO G 175 -4.76 -6.23 40.17
C PRO G 175 -6.02 -7.03 39.84
N HIS G 176 -6.99 -6.40 39.20
CA HIS G 176 -8.20 -7.12 38.85
C HIS G 176 -7.88 -8.30 37.94
N LEU G 177 -7.07 -8.05 36.91
CA LEU G 177 -6.70 -9.11 35.99
C LEU G 177 -6.06 -10.27 36.72
N LYS G 178 -5.01 -10.00 37.49
CA LYS G 178 -4.32 -11.06 38.22
C LYS G 178 -5.28 -11.87 39.08
N GLU G 179 -6.28 -11.20 39.65
CA GLU G 179 -7.24 -11.89 40.48
C GLU G 179 -8.03 -12.80 39.58
N GLN G 180 -8.46 -12.28 38.44
CA GLN G 180 -9.23 -13.07 37.50
C GLN G 180 -8.42 -14.28 37.01
N ILE G 181 -7.13 -14.09 36.80
CA ILE G 181 -6.29 -15.18 36.34
C ILE G 181 -6.20 -16.20 37.45
N ALA G 182 -6.03 -15.73 38.67
CA ALA G 182 -5.92 -16.60 39.84
C ALA G 182 -7.21 -17.43 39.96
N LEU G 183 -8.33 -16.78 39.68
CA LEU G 183 -9.63 -17.44 39.73
C LEU G 183 -9.67 -18.55 38.69
N ALA G 184 -9.11 -18.29 37.52
CA ALA G 184 -9.11 -19.28 36.45
C ALA G 184 -8.14 -20.40 36.80
N LYS G 185 -7.09 -20.06 37.54
CA LYS G 185 -6.08 -21.04 37.93
C LYS G 185 -6.71 -22.07 38.83
N ARG G 186 -7.62 -21.63 39.68
CA ARG G 186 -8.31 -22.53 40.61
C ARG G 186 -9.09 -23.58 39.83
N TYR G 187 -9.95 -23.14 38.92
CA TYR G 187 -10.71 -24.08 38.12
C TYR G 187 -9.78 -25.03 37.38
N TYR G 188 -8.64 -24.51 36.92
CA TYR G 188 -7.69 -25.33 36.19
C TYR G 188 -7.11 -26.39 37.09
N ASP G 189 -6.67 -25.99 38.27
CA ASP G 189 -6.10 -26.92 39.21
C ASP G 189 -7.10 -27.99 39.58
N ARG G 190 -8.39 -27.66 39.54
CA ARG G 190 -9.44 -28.62 39.87
C ARG G 190 -9.79 -29.51 38.70
N ASP G 191 -9.93 -28.91 37.52
CA ASP G 191 -10.29 -29.64 36.33
C ASP G 191 -9.18 -30.57 35.83
N LEU G 192 -7.93 -30.26 36.15
CA LEU G 192 -6.81 -31.09 35.70
C LEU G 192 -7.02 -32.54 36.13
N HIS G 193 -7.58 -32.71 37.32
CA HIS G 193 -7.84 -34.04 37.87
C HIS G 193 -9.29 -34.42 37.57
N GLN G 194 -9.57 -34.70 36.30
CA GLN G 194 -10.92 -35.10 35.92
C GLN G 194 -10.86 -36.32 35.03
N LYS G 195 -11.84 -37.19 35.19
CA LYS G 195 -11.91 -38.43 34.42
C LYS G 195 -11.90 -38.17 32.91
N ASN G 196 -12.57 -37.11 32.47
CA ASN G 196 -12.64 -36.81 31.05
C ASN G 196 -12.51 -35.31 30.76
N TYR G 197 -11.31 -34.78 30.95
CA TYR G 197 -11.03 -33.37 30.72
C TYR G 197 -10.06 -33.23 29.55
N GLY G 198 -10.56 -32.89 28.37
CA GLY G 198 -9.68 -32.74 27.22
C GLY G 198 -8.97 -31.39 27.16
N GLY G 199 -8.86 -30.72 28.30
CA GLY G 199 -8.21 -29.42 28.34
C GLY G 199 -8.97 -28.39 27.53
N VAL G 200 -8.41 -27.19 27.41
CA VAL G 200 -9.02 -26.08 26.67
C VAL G 200 -9.05 -26.29 25.15
N TRP G 201 -10.09 -25.78 24.50
CA TRP G 201 -10.27 -25.89 23.06
C TRP G 201 -9.24 -25.03 22.35
N LEU G 202 -8.62 -25.57 21.30
CA LEU G 202 -7.62 -24.81 20.57
C LEU G 202 -8.06 -24.61 19.14
N PRO G 203 -7.55 -23.55 18.51
CA PRO G 203 -7.82 -23.17 17.13
C PRO G 203 -7.46 -24.31 16.23
N THR G 204 -7.99 -24.27 15.05
CA THR G 204 -7.80 -25.25 13.97
C THR G 204 -6.48 -26.05 13.90
N ALA G 205 -6.67 -27.31 14.34
CA ALA G 205 -5.78 -28.46 14.43
C ALA G 205 -4.54 -28.25 15.27
N LEU G 206 -4.62 -27.27 16.17
CA LEU G 206 -3.52 -26.93 17.03
C LEU G 206 -3.19 -28.03 18.05
N LYS G 207 -4.21 -28.74 18.53
CA LYS G 207 -4.00 -29.80 19.51
C LYS G 207 -3.18 -30.94 18.92
N GLU G 208 -3.19 -31.04 17.59
CA GLU G 208 -2.41 -32.08 16.92
C GLU G 208 -0.95 -31.64 16.86
N LYS G 209 -0.72 -30.34 16.69
CA LYS G 209 0.64 -29.85 16.61
C LYS G 209 1.26 -29.74 17.99
N TYR G 210 0.45 -29.35 18.97
CA TYR G 210 0.94 -29.20 20.34
C TYR G 210 0.00 -29.98 21.24
N PRO G 211 0.08 -31.32 21.19
CA PRO G 211 -0.79 -32.16 22.01
C PRO G 211 -0.79 -31.84 23.49
N ASN G 212 0.20 -31.12 23.95
CA ASN G 212 0.21 -30.85 25.36
C ASN G 212 -0.46 -29.52 25.69
N ALA G 213 -0.44 -28.61 24.72
CA ALA G 213 -1.02 -27.28 24.89
C ALA G 213 -2.34 -27.27 25.61
N PRO G 214 -3.30 -28.09 25.18
CA PRO G 214 -4.61 -28.11 25.85
C PRO G 214 -4.58 -28.31 27.36
N TYR G 215 -3.47 -28.80 27.87
CA TYR G 215 -3.37 -29.03 29.31
C TYR G 215 -2.46 -28.03 30.01
N GLU G 216 -2.06 -26.99 29.28
CA GLU G 216 -1.20 -25.94 29.83
C GLU G 216 -2.10 -24.77 30.26
N PHE G 217 -1.86 -24.25 31.45
CA PHE G 217 -2.66 -23.15 31.96
C PHE G 217 -2.68 -21.94 31.03
N ARG G 218 -1.50 -21.52 30.57
CA ARG G 218 -1.39 -20.35 29.70
C ARG G 218 -2.36 -20.32 28.51
N TRP G 219 -2.74 -21.50 28.03
CA TRP G 219 -3.68 -21.57 26.92
C TRP G 219 -5.14 -21.51 27.34
N HIS G 220 -5.39 -21.59 28.65
CA HIS G 220 -6.77 -21.56 29.14
C HIS G 220 -7.41 -20.17 29.08
N TYR G 221 -8.71 -20.14 28.85
CA TYR G 221 -9.46 -18.90 28.75
C TYR G 221 -9.34 -18.04 30.00
N LEU G 222 -9.35 -16.73 29.80
CA LEU G 222 -9.23 -15.78 30.91
C LEU G 222 -10.54 -15.71 31.69
N PHE G 223 -11.65 -15.74 30.98
CA PHE G 223 -12.96 -15.68 31.60
C PHE G 223 -13.70 -16.98 31.36
N PRO G 224 -13.44 -18.00 32.18
CA PRO G 224 -14.10 -19.30 32.03
C PRO G 224 -15.50 -19.31 32.63
N SER G 225 -16.30 -20.32 32.29
CA SER G 225 -17.64 -20.45 32.85
C SER G 225 -17.56 -21.18 34.19
N PHE G 226 -18.60 -21.03 35.02
CA PHE G 226 -18.63 -21.66 36.33
C PHE G 226 -18.68 -23.19 36.29
N GLN G 227 -19.22 -23.73 35.20
CA GLN G 227 -19.34 -25.18 35.07
C GLN G 227 -18.44 -25.72 33.94
N LEU G 228 -18.73 -26.92 33.46
CA LEU G 228 -17.98 -27.51 32.37
C LEU G 228 -18.94 -27.94 31.27
N SER G 229 -18.42 -28.10 30.06
CA SER G 229 -19.24 -28.49 28.93
C SER G 229 -18.74 -29.80 28.32
N LEU G 230 -19.56 -30.41 27.48
CA LEU G 230 -19.18 -31.65 26.84
C LEU G 230 -19.08 -31.43 25.33
N ASP G 231 -17.85 -31.23 24.87
CA ASP G 231 -17.57 -30.98 23.46
C ASP G 231 -18.06 -32.14 22.59
N PRO G 232 -18.97 -31.86 21.65
CA PRO G 232 -19.49 -32.91 20.75
C PRO G 232 -18.37 -33.61 20.00
N GLU G 233 -17.61 -32.85 19.21
CA GLU G 233 -16.50 -33.47 18.48
C GLU G 233 -15.49 -34.00 19.48
N SER G 234 -15.12 -35.27 19.33
CA SER G 234 -14.17 -35.88 20.25
C SER G 234 -14.77 -35.83 21.65
N ASP G 235 -15.72 -36.71 21.89
CA ASP G 235 -16.41 -36.79 23.17
C ASP G 235 -15.50 -36.56 24.37
N VAL G 236 -15.36 -35.31 24.79
CA VAL G 236 -14.55 -34.96 25.96
C VAL G 236 -15.11 -33.70 26.60
N MET G 237 -14.78 -33.48 27.86
CA MET G 237 -15.27 -32.30 28.56
C MET G 237 -14.17 -31.28 28.78
N ARG G 238 -14.53 -30.01 28.67
CA ARG G 238 -13.59 -28.92 28.85
C ARG G 238 -14.30 -27.70 29.40
N ARG G 239 -13.53 -26.77 29.94
CA ARG G 239 -14.11 -25.56 30.50
C ARG G 239 -14.19 -24.44 29.48
N HIS G 240 -15.33 -24.34 28.81
CA HIS G 240 -15.56 -23.33 27.80
C HIS G 240 -15.52 -21.95 28.46
N HIS G 241 -15.48 -20.90 27.65
CA HIS G 241 -15.44 -19.56 28.21
C HIS G 241 -16.82 -18.98 28.51
N MET G 242 -16.82 -17.89 29.26
CA MET G 242 -18.03 -17.18 29.66
C MET G 242 -19.02 -17.09 28.52
N ASN G 243 -20.29 -16.91 28.85
CA ASN G 243 -21.34 -16.85 27.83
C ASN G 243 -21.51 -15.43 27.26
N GLU G 244 -21.41 -15.31 25.94
CA GLU G 244 -21.54 -14.01 25.27
C GLU G 244 -22.85 -13.33 25.61
N THR G 245 -23.94 -14.03 25.30
CA THR G 245 -25.30 -13.55 25.54
C THR G 245 -25.49 -12.94 26.93
N VAL G 246 -24.93 -13.58 27.94
CA VAL G 246 -25.06 -13.09 29.29
C VAL G 246 -24.43 -11.72 29.44
N LEU G 247 -23.25 -11.56 28.84
CA LEU G 247 -22.52 -10.29 28.90
C LEU G 247 -23.31 -9.25 28.11
N GLN G 248 -23.79 -9.64 26.93
CA GLN G 248 -24.55 -8.75 26.09
C GLN G 248 -25.74 -8.12 26.79
N LYS G 249 -26.51 -8.93 27.52
CA LYS G 249 -27.66 -8.36 28.22
C LYS G 249 -27.17 -7.66 29.47
N ALA G 250 -26.10 -8.16 30.06
CA ALA G 250 -25.56 -7.54 31.25
C ALA G 250 -25.31 -6.08 31.00
N VAL G 251 -24.70 -5.77 29.85
CA VAL G 251 -24.38 -4.39 29.48
C VAL G 251 -25.64 -3.62 29.11
N ARG G 252 -26.63 -4.33 28.57
CA ARG G 252 -27.89 -3.72 28.17
C ARG G 252 -28.68 -3.29 29.41
N ARG G 253 -28.80 -4.21 30.37
CA ARG G 253 -29.54 -3.92 31.59
C ARG G 253 -28.86 -2.79 32.35
N SER G 254 -27.57 -2.97 32.64
CA SER G 254 -26.84 -1.96 33.37
C SER G 254 -26.99 -0.59 32.69
N ALA G 255 -27.14 -0.61 31.37
CA ALA G 255 -27.30 0.62 30.60
C ALA G 255 -28.62 1.33 30.93
N GLN G 256 -29.64 0.53 31.26
CA GLN G 256 -30.96 1.04 31.61
C GLN G 256 -30.95 1.45 33.08
N GLU G 257 -30.36 0.60 33.91
CA GLU G 257 -30.26 0.85 35.34
C GLU G 257 -29.32 2.00 35.66
N ALA G 258 -29.32 3.02 34.81
CA ALA G 258 -28.47 4.18 35.01
C ALA G 258 -29.19 5.43 34.57
N GLY G 259 -29.81 5.21 33.44
CA GLY G 259 -30.51 6.18 32.64
C GLY G 259 -30.05 5.81 31.24
N ILE G 260 -29.46 6.70 30.48
CA ILE G 260 -28.99 6.31 29.15
C ILE G 260 -30.14 5.83 28.31
N GLU G 261 -30.66 6.74 27.52
CA GLU G 261 -31.73 6.40 26.56
C GLU G 261 -31.20 6.38 25.14
N LYS G 262 -30.12 5.67 24.94
CA LYS G 262 -29.60 5.67 23.58
C LYS G 262 -29.47 4.26 23.02
N THR G 263 -29.93 3.25 23.75
CA THR G 263 -29.81 1.87 23.29
C THR G 263 -28.33 1.58 23.14
N VAL G 264 -27.69 1.23 24.23
CA VAL G 264 -26.28 0.95 24.20
C VAL G 264 -25.99 -0.53 24.30
N THR G 265 -25.08 -0.98 23.45
CA THR G 265 -24.65 -2.39 23.40
C THR G 265 -23.12 -2.50 23.39
N CYS G 266 -22.62 -3.72 23.34
CA CYS G 266 -21.19 -3.92 23.34
C CYS G 266 -20.42 -3.14 22.31
N HIS G 267 -20.78 -3.24 21.05
CA HIS G 267 -20.01 -2.49 20.07
C HIS G 267 -20.09 -0.99 20.26
N THR G 268 -21.05 -0.51 21.05
CA THR G 268 -21.13 0.94 21.24
C THR G 268 -20.08 1.34 22.26
N LEU G 269 -19.59 0.37 23.03
CA LEU G 269 -18.54 0.66 23.99
C LEU G 269 -17.24 0.77 23.23
N ARG G 270 -17.14 0.03 22.15
CA ARG G 270 -15.96 0.04 21.32
C ARG G 270 -15.90 1.36 20.58
N HIS G 271 -17.05 1.83 20.10
CA HIS G 271 -17.11 3.10 19.39
C HIS G 271 -16.65 4.23 20.28
N SER G 272 -16.99 4.13 21.57
CA SER G 272 -16.65 5.13 22.55
C SER G 272 -15.15 5.17 22.75
N PHE G 273 -14.54 3.99 22.75
CA PHE G 273 -13.11 3.86 22.91
C PHE G 273 -12.47 4.64 21.79
N ALA G 274 -12.90 4.41 20.56
CA ALA G 274 -12.29 5.11 19.46
C ALA G 274 -12.56 6.59 19.50
N THR G 275 -13.79 6.92 19.84
CA THR G 275 -14.19 8.29 19.88
C THR G 275 -13.44 9.02 20.97
N HIS G 276 -13.38 8.43 22.16
CA HIS G 276 -12.69 9.10 23.23
C HIS G 276 -11.20 9.33 22.99
N LEU G 277 -10.52 8.35 22.41
CA LEU G 277 -9.10 8.49 22.10
C LEU G 277 -8.93 9.67 21.17
N LEU G 278 -9.83 9.78 20.21
CA LEU G 278 -9.75 10.87 19.28
C LEU G 278 -9.97 12.20 19.94
N GLU G 279 -10.96 12.28 20.82
CA GLU G 279 -11.26 13.55 21.47
C GLU G 279 -10.15 14.03 22.38
N VAL G 280 -9.24 13.14 22.73
CA VAL G 280 -8.15 13.52 23.60
C VAL G 280 -6.94 13.97 22.80
N GLY G 281 -6.99 13.78 21.49
CA GLY G 281 -5.89 14.19 20.66
C GLY G 281 -5.09 13.10 19.98
N ALA G 282 -5.42 11.83 20.23
CA ALA G 282 -4.71 10.73 19.60
C ALA G 282 -4.80 10.84 18.10
N ASP G 283 -3.80 10.35 17.40
CA ASP G 283 -3.83 10.42 15.94
C ASP G 283 -4.78 9.37 15.39
N ILE G 284 -5.43 9.66 14.27
CA ILE G 284 -6.35 8.70 13.68
C ILE G 284 -5.64 7.38 13.42
N ARG G 285 -4.45 7.40 12.83
CA ARG G 285 -3.77 6.13 12.54
C ARG G 285 -3.50 5.37 13.81
N THR G 286 -3.39 6.09 14.92
CA THR G 286 -3.17 5.43 16.19
C THR G 286 -4.41 4.65 16.58
N VAL G 287 -5.56 5.29 16.39
CA VAL G 287 -6.84 4.68 16.70
C VAL G 287 -7.07 3.51 15.76
N GLN G 288 -6.70 3.72 14.51
CA GLN G 288 -6.84 2.72 13.48
C GLN G 288 -6.13 1.42 13.91
N GLU G 289 -4.88 1.55 14.35
CA GLU G 289 -4.12 0.40 14.77
C GLU G 289 -4.75 -0.28 16.00
N GLN G 290 -5.28 0.49 16.93
CA GLN G 290 -5.90 -0.12 18.11
C GLN G 290 -7.15 -0.90 17.69
N LEU G 291 -7.91 -0.40 16.73
CA LEU G 291 -9.09 -1.10 16.33
C LEU G 291 -8.79 -2.28 15.41
N GLY G 292 -7.73 -2.19 14.63
CA GLY G 292 -7.40 -3.27 13.72
C GLY G 292 -7.86 -2.94 12.32
N HIS G 293 -8.15 -1.67 12.02
CA HIS G 293 -8.58 -1.35 10.67
C HIS G 293 -7.38 -1.43 9.76
N THR G 294 -7.54 -2.02 8.59
CA THR G 294 -6.40 -2.09 7.72
C THR G 294 -6.13 -0.77 7.02
N ASP G 295 -7.13 0.10 6.93
CA ASP G 295 -6.93 1.37 6.25
C ASP G 295 -7.59 2.50 7.02
N VAL G 296 -6.89 3.63 7.16
CA VAL G 296 -7.40 4.78 7.87
C VAL G 296 -8.78 5.20 7.38
N LYS G 297 -8.99 5.15 6.06
CA LYS G 297 -10.28 5.56 5.52
C LYS G 297 -11.43 4.88 6.23
N THR G 298 -11.18 3.72 6.82
CA THR G 298 -12.24 3.04 7.53
C THR G 298 -12.45 3.71 8.87
N THR G 299 -11.34 4.05 9.50
CA THR G 299 -11.38 4.67 10.81
C THR G 299 -11.98 6.07 10.72
N GLN G 300 -11.84 6.72 9.56
CA GLN G 300 -12.38 8.05 9.40
C GLN G 300 -13.91 8.03 9.52
N ILE G 301 -14.49 6.86 9.28
CA ILE G 301 -15.93 6.67 9.41
C ILE G 301 -16.16 6.32 10.88
N TYR G 302 -15.42 6.98 11.75
CA TYR G 302 -15.48 6.79 13.21
C TYR G 302 -15.11 8.12 13.79
N THR G 303 -15.19 9.15 12.95
CA THR G 303 -14.87 10.51 13.37
C THR G 303 -16.03 11.45 13.02
N HIS G 304 -17.23 10.87 12.90
CA HIS G 304 -18.43 11.64 12.58
C HIS G 304 -19.41 11.66 13.75
N ARG G 308 -21.48 20.07 16.06
CA ARG G 308 -21.23 21.51 16.23
C ARG G 308 -19.82 21.79 16.74
N GLY G 309 -19.70 22.84 17.56
CA GLY G 309 -18.42 23.21 18.12
C GLY G 309 -17.72 24.27 17.29
N ALA G 310 -16.46 24.55 17.65
CA ALA G 310 -15.63 25.53 16.95
C ALA G 310 -14.37 24.86 16.39
N SER G 311 -14.26 24.84 15.06
CA SER G 311 -13.11 24.24 14.38
C SER G 311 -11.79 24.79 14.94
N GLY G 312 -11.85 26.01 15.47
CA GLY G 312 -10.69 26.66 16.05
C GLY G 312 -9.65 26.99 14.99
N VAL G 313 -10.02 26.76 13.74
CA VAL G 313 -9.11 27.03 12.66
C VAL G 313 -9.26 28.46 12.22
N LEU G 314 -8.32 29.30 12.61
CA LEU G 314 -8.37 30.69 12.23
C LEU G 314 -8.07 30.83 10.74
N SER G 315 -8.94 31.51 10.03
CA SER G 315 -8.75 31.68 8.60
C SER G 315 -7.43 32.37 8.28
N PRO G 316 -6.73 31.86 7.27
CA PRO G 316 -5.45 32.47 6.89
C PRO G 316 -5.64 33.90 6.45
N LEU G 317 -6.83 34.24 5.99
CA LEU G 317 -7.07 35.61 5.55
C LEU G 317 -6.96 36.56 6.74
N SER G 318 -7.40 36.09 7.89
CA SER G 318 -7.35 36.89 9.10
C SER G 318 -5.92 37.17 9.55
N ARG G 319 -4.98 36.30 9.20
CA ARG G 319 -3.59 36.51 9.61
C ARG G 319 -2.81 37.32 8.61
N LEU G 320 -3.38 37.51 7.42
CA LEU G 320 -2.66 38.29 6.40
C LEU G 320 -2.14 39.56 7.03
N MET H 1 -26.14 25.56 -35.84
CA MET H 1 -25.07 25.29 -36.85
C MET H 1 -24.43 23.90 -36.73
N GLY H 2 -24.77 23.16 -35.68
CA GLY H 2 -24.22 21.84 -35.48
C GLY H 2 -25.14 20.74 -35.98
N SER H 3 -24.63 19.51 -36.06
CA SER H 3 -25.43 18.39 -36.55
C SER H 3 -26.65 18.06 -35.69
N GLN H 4 -27.66 17.49 -36.34
CA GLN H 4 -28.89 17.12 -35.67
C GLN H 4 -28.61 15.98 -34.72
N PHE H 5 -27.54 15.24 -34.99
CA PHE H 5 -27.17 14.12 -34.14
C PHE H 5 -26.59 14.62 -32.84
N LEU H 6 -25.66 15.56 -32.93
CA LEU H 6 -25.03 16.14 -31.74
C LEU H 6 -26.08 16.76 -30.85
N LEU H 7 -27.03 17.44 -31.47
CA LEU H 7 -28.10 18.09 -30.72
C LEU H 7 -28.94 17.04 -30.01
N SER H 8 -29.13 15.88 -30.62
CA SER H 8 -29.93 14.84 -29.99
C SER H 8 -29.21 14.23 -28.79
N VAL H 9 -27.88 14.15 -28.88
CA VAL H 9 -27.08 13.58 -27.80
C VAL H 9 -27.10 14.56 -26.62
N ARG H 10 -26.86 15.82 -26.91
CA ARG H 10 -26.87 16.84 -25.89
C ARG H 10 -28.17 16.78 -25.09
N GLU H 11 -29.28 16.52 -25.78
CA GLU H 11 -30.57 16.45 -25.11
C GLU H 11 -30.70 15.12 -24.36
N PHE H 12 -30.15 14.05 -24.92
CA PHE H 12 -30.25 12.77 -24.23
C PHE H 12 -29.64 12.91 -22.86
N MET H 13 -28.46 13.52 -22.82
CA MET H 13 -27.73 13.73 -21.58
C MET H 13 -28.46 14.68 -20.63
N GLN H 14 -28.88 15.85 -21.12
CA GLN H 14 -29.58 16.81 -20.27
C GLN H 14 -30.78 16.22 -19.55
N THR H 15 -31.30 15.12 -20.08
CA THR H 15 -32.45 14.45 -19.48
C THR H 15 -32.03 13.55 -18.35
N ARG H 16 -30.85 12.97 -18.45
CA ARG H 16 -30.36 12.11 -17.39
C ARG H 16 -29.69 12.96 -16.31
N TYR H 17 -29.78 14.28 -16.48
CA TYR H 17 -29.21 15.19 -15.51
C TYR H 17 -27.69 15.17 -15.38
N TYR H 18 -27.00 14.76 -16.44
CA TYR H 18 -25.55 14.75 -16.41
C TYR H 18 -25.07 16.17 -16.17
N ALA H 19 -23.90 16.31 -15.57
CA ALA H 19 -23.35 17.63 -15.27
C ALA H 19 -23.11 18.44 -16.52
N LYS H 20 -23.20 19.76 -16.40
CA LYS H 20 -22.99 20.63 -17.55
C LYS H 20 -21.60 20.40 -18.16
N LYS H 21 -20.57 20.42 -17.32
CA LYS H 21 -19.19 20.21 -17.76
C LYS H 21 -18.97 18.83 -18.37
N THR H 22 -19.80 17.85 -17.98
CA THR H 22 -19.70 16.50 -18.52
C THR H 22 -20.20 16.50 -19.96
N ILE H 23 -21.34 17.15 -20.16
CA ILE H 23 -21.95 17.27 -21.48
C ILE H 23 -20.97 17.95 -22.42
N GLU H 24 -20.44 19.10 -22.02
CA GLU H 24 -19.50 19.78 -22.87
C GLU H 24 -18.34 18.85 -23.23
N ALA H 25 -17.81 18.18 -22.22
CA ALA H 25 -16.70 17.27 -22.42
C ALA H 25 -17.05 16.12 -23.37
N TYR H 26 -18.00 15.27 -22.98
CA TYR H 26 -18.36 14.17 -23.83
C TYR H 26 -18.67 14.58 -25.28
N LEU H 27 -19.46 15.64 -25.43
CA LEU H 27 -19.80 16.09 -26.76
C LEU H 27 -18.57 16.41 -27.58
N HIS H 28 -17.66 17.18 -26.99
CA HIS H 28 -16.43 17.57 -27.67
C HIS H 28 -15.66 16.40 -28.24
N TRP H 29 -15.55 15.30 -27.51
CA TRP H 29 -14.81 14.17 -28.03
C TRP H 29 -15.65 13.38 -29.00
N ILE H 30 -16.96 13.53 -28.92
CA ILE H 30 -17.81 12.81 -29.85
C ILE H 30 -17.77 13.48 -31.22
N THR H 31 -17.87 14.80 -31.23
CA THR H 31 -17.84 15.47 -32.52
C THR H 31 -16.45 15.31 -33.11
N ARG H 32 -15.43 15.36 -32.28
CA ARG H 32 -14.09 15.23 -32.81
C ARG H 32 -13.93 13.82 -33.35
N TYR H 33 -14.60 12.86 -32.74
CA TYR H 33 -14.54 11.48 -33.17
C TYR H 33 -15.20 11.35 -34.53
N ILE H 34 -16.39 11.92 -34.62
CA ILE H 34 -17.17 11.92 -35.85
C ILE H 34 -16.42 12.61 -36.99
N HIS H 35 -16.13 13.89 -36.82
CA HIS H 35 -15.44 14.62 -37.84
C HIS H 35 -14.08 14.03 -38.21
N PHE H 36 -13.67 12.95 -37.57
CA PHE H 36 -12.39 12.32 -37.88
C PHE H 36 -12.62 11.25 -38.93
N HIS H 37 -13.84 10.75 -38.96
CA HIS H 37 -14.25 9.71 -39.91
C HIS H 37 -15.17 10.32 -40.96
N ASN H 38 -14.99 11.61 -41.20
CA ASN H 38 -15.76 12.33 -42.17
C ASN H 38 -17.26 12.13 -41.99
N LYS H 39 -17.88 12.72 -40.94
CA LYS H 39 -19.34 12.63 -40.73
C LYS H 39 -19.97 11.31 -41.00
N LYS H 40 -19.19 10.32 -40.79
CA LYS H 40 -19.81 9.07 -40.95
C LYS H 40 -20.66 8.87 -39.69
N HIS H 41 -21.78 8.16 -39.80
CA HIS H 41 -22.59 7.91 -38.61
C HIS H 41 -21.89 6.96 -37.64
N PRO H 42 -21.85 7.30 -36.34
CA PRO H 42 -21.20 6.45 -35.32
C PRO H 42 -21.85 5.09 -35.11
N SER H 43 -23.06 4.92 -35.63
CA SER H 43 -23.76 3.65 -35.49
C SER H 43 -23.27 2.65 -36.53
N LEU H 44 -22.53 3.15 -37.52
CA LEU H 44 -21.99 2.32 -38.58
C LEU H 44 -20.54 1.94 -38.28
N MET H 45 -20.01 2.48 -37.17
CA MET H 45 -18.64 2.22 -36.76
C MET H 45 -18.60 1.47 -35.42
N GLY H 46 -17.42 0.96 -35.07
CA GLY H 46 -17.27 0.22 -33.83
C GLY H 46 -15.87 0.31 -33.22
N ASP H 47 -15.47 -0.74 -32.52
CA ASP H 47 -14.17 -0.76 -31.87
C ASP H 47 -13.05 -0.32 -32.82
N LYS H 48 -12.98 -0.95 -33.98
CA LYS H 48 -11.95 -0.62 -34.94
C LYS H 48 -11.79 0.89 -35.12
N GLU H 49 -12.90 1.58 -35.38
CA GLU H 49 -12.86 3.03 -35.58
C GLU H 49 -12.53 3.79 -34.32
N VAL H 50 -13.03 3.34 -33.18
CA VAL H 50 -12.71 4.02 -31.93
C VAL H 50 -11.20 3.95 -31.67
N GLU H 51 -10.64 2.75 -31.80
CA GLU H 51 -9.21 2.56 -31.57
C GLU H 51 -8.37 3.39 -32.55
N GLU H 52 -8.82 3.50 -33.80
CA GLU H 52 -8.10 4.29 -34.80
C GLU H 52 -8.09 5.75 -34.38
N PHE H 53 -9.18 6.20 -33.77
CA PHE H 53 -9.29 7.58 -33.31
C PHE H 53 -8.38 7.81 -32.09
N LEU H 54 -8.45 6.90 -31.12
CA LEU H 54 -7.63 6.97 -29.93
C LEU H 54 -6.16 6.98 -30.36
N THR H 55 -5.78 6.07 -31.25
CA THR H 55 -4.42 6.02 -31.73
C THR H 55 -4.04 7.33 -32.39
N TYR H 56 -5.00 7.91 -33.08
CA TYR H 56 -4.77 9.18 -33.75
C TYR H 56 -4.41 10.25 -32.72
N LEU H 57 -5.22 10.34 -31.66
CA LEU H 57 -4.98 11.32 -30.61
C LEU H 57 -3.61 11.09 -29.97
N ALA H 58 -3.31 9.84 -29.69
CA ALA H 58 -2.05 9.46 -29.07
C ALA H 58 -0.86 9.83 -29.93
N VAL H 59 -0.77 9.27 -31.13
CA VAL H 59 0.35 9.55 -32.03
C VAL H 59 0.00 10.85 -32.75
N GLN H 60 0.57 11.32 -33.84
CA GLN H 60 0.23 12.72 -34.27
C GLN H 60 -1.11 13.29 -33.73
N GLY H 61 -1.01 13.98 -32.61
CA GLY H 61 -2.13 14.58 -31.92
C GLY H 61 -1.43 14.88 -30.61
N LYS H 62 -0.51 13.98 -30.30
CA LYS H 62 0.35 14.06 -29.13
C LYS H 62 -0.45 14.38 -27.89
N VAL H 63 -1.63 13.81 -27.74
CA VAL H 63 -2.44 14.09 -26.57
C VAL H 63 -1.94 13.32 -25.35
N ALA H 64 -2.35 13.78 -24.16
CA ALA H 64 -1.94 13.14 -22.91
C ALA H 64 -2.79 11.91 -22.61
N THR H 65 -2.17 10.93 -21.98
CA THR H 65 -2.89 9.73 -21.64
C THR H 65 -4.24 10.00 -20.97
N LYS H 66 -4.33 10.98 -20.09
CA LYS H 66 -5.61 11.24 -19.46
C LYS H 66 -6.64 11.82 -20.42
N THR H 67 -6.21 12.67 -21.35
CA THR H 67 -7.19 13.21 -22.25
C THR H 67 -7.64 12.12 -23.22
N GLN H 68 -6.76 11.19 -23.56
CA GLN H 68 -7.18 10.14 -24.47
C GLN H 68 -8.13 9.23 -23.73
N SER H 69 -7.93 9.18 -22.43
CA SER H 69 -8.75 8.34 -21.59
C SER H 69 -10.16 8.93 -21.48
N LEU H 70 -10.26 10.25 -21.48
CA LEU H 70 -11.58 10.88 -21.39
C LEU H 70 -12.30 10.66 -22.71
N ALA H 71 -11.56 10.73 -23.81
CA ALA H 71 -12.12 10.52 -25.13
C ALA H 71 -12.74 9.13 -25.14
N LEU H 72 -12.01 8.15 -24.64
CA LEU H 72 -12.54 6.81 -24.61
C LEU H 72 -13.77 6.79 -23.69
N ASN H 73 -13.78 7.63 -22.64
CA ASN H 73 -14.91 7.64 -21.72
C ASN H 73 -16.16 8.14 -22.42
N SER H 74 -15.98 9.13 -23.28
CA SER H 74 -17.05 9.73 -24.07
C SER H 74 -17.63 8.69 -25.01
N LEU H 75 -16.77 8.20 -25.91
CA LEU H 75 -17.22 7.21 -26.86
C LEU H 75 -17.82 6.01 -26.15
N SER H 76 -17.31 5.63 -25.00
CA SER H 76 -17.92 4.49 -24.33
C SER H 76 -19.35 4.80 -23.96
N PHE H 77 -19.62 6.04 -23.59
CA PHE H 77 -20.97 6.44 -23.23
C PHE H 77 -21.85 6.47 -24.46
N LEU H 78 -21.32 7.09 -25.50
CA LEU H 78 -22.02 7.23 -26.77
C LEU H 78 -22.50 5.89 -27.31
N TYR H 79 -21.81 4.82 -26.94
CA TYR H 79 -22.17 3.49 -27.40
C TYR H 79 -22.89 2.67 -26.34
N LYS H 80 -22.70 2.97 -25.07
CA LYS H 80 -23.37 2.18 -24.06
C LYS H 80 -24.79 2.70 -23.88
N GLU H 81 -24.95 4.00 -23.70
CA GLU H 81 -26.27 4.60 -23.52
C GLU H 81 -26.98 4.83 -24.86
N ILE H 82 -26.63 5.91 -25.54
CA ILE H 82 -27.20 6.19 -26.84
C ILE H 82 -26.67 5.04 -27.69
N LEU H 83 -27.40 4.59 -28.71
CA LEU H 83 -26.92 3.49 -29.54
C LEU H 83 -26.66 2.26 -28.69
N LYS H 84 -27.71 1.57 -28.26
CA LYS H 84 -27.51 0.40 -27.41
C LYS H 84 -26.60 -0.72 -27.97
N THR H 85 -25.33 -0.40 -28.21
CA THR H 85 -24.35 -1.36 -28.72
C THR H 85 -22.97 -1.04 -28.15
N PRO H 86 -22.74 -1.41 -26.89
CA PRO H 86 -21.48 -1.19 -26.17
C PRO H 86 -20.22 -1.58 -26.90
N LEU H 87 -19.12 -0.89 -26.59
CA LEU H 87 -17.84 -1.16 -27.21
C LEU H 87 -17.23 -2.36 -26.53
N SER H 88 -16.09 -2.78 -27.01
CA SER H 88 -15.44 -3.94 -26.44
C SER H 88 -13.93 -3.76 -26.49
N LEU H 89 -13.47 -2.53 -26.31
CA LEU H 89 -12.05 -2.26 -26.36
C LEU H 89 -11.33 -2.62 -25.07
N GLU H 90 -10.01 -2.78 -25.19
CA GLU H 90 -9.14 -3.12 -24.06
C GLU H 90 -8.23 -1.95 -23.70
N ILE H 91 -8.57 -1.25 -22.62
CA ILE H 91 -7.80 -0.10 -22.14
C ILE H 91 -6.47 -0.58 -21.57
N ARG H 92 -5.59 -1.07 -22.43
CA ARG H 92 -4.29 -1.57 -22.01
C ARG H 92 -3.40 -0.38 -21.61
N PHE H 93 -3.89 0.39 -20.66
CA PHE H 93 -3.20 1.57 -20.15
C PHE H 93 -1.79 1.30 -19.72
N GLN H 94 -1.06 2.35 -19.45
CA GLN H 94 0.28 2.09 -19.02
C GLN H 94 0.59 3.14 -18.05
N ARG H 95 0.15 4.28 -18.34
CA ARG H 95 0.74 5.22 -17.42
C ARG H 95 -0.18 5.81 -16.40
N SER H 96 0.26 5.85 -15.14
CA SER H 96 -0.72 6.20 -14.14
C SER H 96 -0.73 7.58 -13.57
N GLN H 97 -1.93 7.93 -13.98
CA GLN H 97 -2.78 9.08 -13.89
C GLN H 97 -3.38 9.29 -12.53
N LEU H 98 -2.56 9.12 -11.49
CA LEU H 98 -2.96 9.34 -10.12
C LEU H 98 -1.95 10.38 -9.71
N GLU H 99 -1.05 10.67 -10.64
CA GLU H 99 0.03 11.61 -10.41
C GLU H 99 -0.44 13.05 -10.44
N ARG H 100 -0.67 13.62 -9.26
CA ARG H 100 -1.13 14.99 -9.15
C ARG H 100 -0.05 16.01 -9.45
N LYS H 101 -0.50 17.23 -9.76
CA LYS H 101 0.41 18.32 -10.07
C LYS H 101 1.11 18.74 -8.82
N LEU H 102 2.29 19.31 -8.99
CA LEU H 102 3.03 19.80 -7.84
C LEU H 102 2.48 21.17 -7.51
N PRO H 103 1.85 21.32 -6.34
CA PRO H 103 1.28 22.61 -5.95
C PRO H 103 2.30 23.72 -5.94
N VAL H 104 1.85 24.92 -6.28
CA VAL H 104 2.67 26.12 -6.32
C VAL H 104 1.91 27.15 -5.48
N VAL H 105 2.47 27.56 -4.34
CA VAL H 105 1.78 28.52 -3.48
C VAL H 105 2.37 29.91 -3.54
N LEU H 106 1.55 30.89 -3.18
CA LEU H 106 1.92 32.29 -3.17
C LEU H 106 2.33 32.68 -1.76
N THR H 107 3.31 33.56 -1.64
CA THR H 107 3.74 34.02 -0.32
C THR H 107 2.63 34.89 0.25
N ARG H 108 2.54 35.01 1.58
CA ARG H 108 1.51 35.85 2.15
C ARG H 108 1.62 37.27 1.57
N ASP H 109 2.83 37.65 1.18
CA ASP H 109 3.02 38.97 0.61
C ASP H 109 2.42 39.04 -0.80
N GLU H 110 2.64 38.00 -1.60
CA GLU H 110 2.13 37.96 -2.96
C GLU H 110 0.59 37.95 -2.92
N ILE H 111 0.02 37.39 -1.87
CA ILE H 111 -1.41 37.36 -1.77
C ILE H 111 -1.93 38.74 -1.43
N ARG H 112 -1.25 39.44 -0.53
CA ARG H 112 -1.65 40.79 -0.16
C ARG H 112 -1.53 41.64 -1.41
N ARG H 113 -0.42 41.44 -2.09
CA ARG H 113 -0.14 42.16 -3.31
C ARG H 113 -1.23 41.91 -4.37
N LEU H 114 -1.80 40.72 -4.35
CA LEU H 114 -2.83 40.36 -5.32
C LEU H 114 -4.15 41.01 -4.97
N LEU H 115 -4.56 40.86 -3.73
CA LEU H 115 -5.81 41.44 -3.30
C LEU H 115 -5.84 42.96 -3.48
N GLU H 116 -4.69 43.60 -3.52
CA GLU H 116 -4.65 45.06 -3.71
C GLU H 116 -5.16 45.44 -5.08
N ILE H 117 -4.84 44.63 -6.09
CA ILE H 117 -5.25 44.92 -7.44
C ILE H 117 -6.63 44.38 -7.84
N VAL H 118 -7.06 43.30 -7.20
CA VAL H 118 -8.36 42.73 -7.52
C VAL H 118 -9.40 43.77 -7.19
N ASP H 119 -10.06 44.30 -8.21
CA ASP H 119 -11.05 45.33 -7.98
C ASP H 119 -12.24 44.82 -7.17
N PRO H 120 -13.00 45.75 -6.58
CA PRO H 120 -14.18 45.40 -5.77
C PRO H 120 -15.10 44.47 -6.50
N LYS H 121 -16.12 44.00 -5.79
CA LYS H 121 -17.12 43.11 -6.37
C LYS H 121 -16.48 41.95 -7.10
N HIS H 122 -15.24 41.67 -6.75
CA HIS H 122 -14.53 40.56 -7.35
C HIS H 122 -13.73 39.93 -6.26
N GLN H 123 -13.51 40.69 -5.21
CA GLN H 123 -12.69 40.15 -4.17
C GLN H 123 -13.36 39.42 -3.05
N LEU H 124 -14.67 39.49 -2.96
CA LEU H 124 -15.29 38.74 -1.90
C LEU H 124 -15.12 37.25 -2.23
N PRO H 125 -15.50 36.85 -3.46
CA PRO H 125 -15.34 35.43 -3.80
C PRO H 125 -13.87 35.02 -3.87
N ILE H 126 -12.99 35.93 -4.26
CA ILE H 126 -11.59 35.59 -4.31
C ILE H 126 -11.02 35.45 -2.93
N LYS H 127 -11.42 36.31 -2.01
CA LYS H 127 -10.94 36.20 -0.65
C LYS H 127 -11.50 34.95 -0.02
N LEU H 128 -12.55 34.38 -0.58
CA LEU H 128 -13.11 33.15 -0.02
C LEU H 128 -12.30 31.94 -0.48
N LEU H 129 -11.73 32.04 -1.68
CA LEU H 129 -10.92 30.96 -2.21
C LEU H 129 -9.71 30.80 -1.30
N TYR H 130 -9.07 31.90 -0.94
CA TYR H 130 -7.92 31.83 -0.07
C TYR H 130 -8.32 31.76 1.39
N GLY H 131 -9.35 32.50 1.76
CA GLY H 131 -9.74 32.52 3.16
C GLY H 131 -10.39 31.25 3.66
N SER H 132 -10.97 30.48 2.75
CA SER H 132 -11.63 29.25 3.17
C SER H 132 -11.21 28.07 2.33
N GLY H 133 -10.21 28.31 1.48
CA GLY H 133 -9.70 27.26 0.63
C GLY H 133 -10.72 26.66 -0.30
N LEU H 134 -11.85 27.32 -0.48
CA LEU H 134 -12.85 26.76 -1.38
C LEU H 134 -12.31 26.53 -2.78
N ARG H 135 -12.94 25.59 -3.47
CA ARG H 135 -12.64 25.25 -4.84
C ARG H 135 -13.51 26.21 -5.65
N LEU H 136 -13.04 26.64 -6.81
CA LEU H 136 -13.82 27.57 -7.61
C LEU H 136 -15.32 27.31 -7.65
N MET H 137 -15.75 26.14 -8.08
CA MET H 137 -17.18 25.91 -8.15
C MET H 137 -17.87 25.77 -6.78
N GLU H 138 -17.16 25.48 -5.70
CA GLU H 138 -17.84 25.38 -4.41
C GLU H 138 -18.22 26.79 -3.98
N CYS H 139 -17.41 27.74 -4.43
CA CYS H 139 -17.58 29.16 -4.15
C CYS H 139 -18.73 29.73 -4.95
N MET H 140 -18.71 29.45 -6.25
CA MET H 140 -19.76 29.90 -7.12
C MET H 140 -21.09 29.28 -6.76
N ARG H 141 -21.11 28.05 -6.26
CA ARG H 141 -22.40 27.42 -5.95
C ARG H 141 -22.85 27.56 -4.52
N LEU H 142 -22.24 28.51 -3.82
CA LEU H 142 -22.60 28.76 -2.43
C LEU H 142 -24.03 29.31 -2.38
N ARG H 143 -24.73 29.03 -1.29
CA ARG H 143 -26.10 29.51 -1.13
C ARG H 143 -26.21 30.34 0.15
N VAL H 144 -27.10 31.34 0.16
CA VAL H 144 -27.25 32.20 1.33
C VAL H 144 -27.22 31.36 2.61
N GLN H 145 -28.09 30.37 2.67
CA GLN H 145 -28.18 29.48 3.79
C GLN H 145 -26.83 28.89 4.24
N ASP H 146 -25.90 28.73 3.31
CA ASP H 146 -24.58 28.13 3.62
C ASP H 146 -23.64 28.96 4.51
N ILE H 147 -23.75 30.29 4.47
CA ILE H 147 -22.89 31.12 5.30
C ILE H 147 -23.39 31.13 6.74
N ASP H 148 -22.52 30.75 7.68
CA ASP H 148 -22.88 30.72 9.09
C ASP H 148 -22.15 31.80 9.92
N PHE H 149 -22.85 32.87 10.28
CA PHE H 149 -22.24 33.93 11.04
C PHE H 149 -22.12 33.62 12.53
N ASP H 150 -22.94 32.71 13.01
CA ASP H 150 -22.91 32.36 14.42
C ASP H 150 -21.62 31.66 14.79
N TYR H 151 -21.26 30.65 14.01
CA TYR H 151 -20.05 29.91 14.28
C TYR H 151 -18.90 30.29 13.37
N GLY H 152 -19.09 31.31 12.55
CA GLY H 152 -18.04 31.74 11.64
C GLY H 152 -17.50 30.59 10.81
N ALA H 153 -18.31 30.10 9.89
CA ALA H 153 -17.94 28.98 9.02
C ALA H 153 -18.84 28.95 7.80
N ILE H 154 -18.47 28.13 6.82
CA ILE H 154 -19.26 28.00 5.60
C ILE H 154 -19.53 26.52 5.41
N ARG H 155 -20.72 26.16 4.95
CA ARG H 155 -21.01 24.75 4.73
C ARG H 155 -20.90 24.44 3.24
N ILE H 156 -20.10 23.45 2.89
CA ILE H 156 -19.94 23.11 1.49
C ILE H 156 -20.57 21.78 1.21
N TRP H 157 -21.49 21.74 0.26
CA TRP H 157 -22.16 20.49 -0.11
C TRP H 157 -21.62 19.91 -1.41
N GLN H 158 -20.80 18.87 -1.29
CA GLN H 158 -20.18 18.17 -2.42
C GLN H 158 -20.84 16.81 -2.66
N GLY H 159 -21.19 16.53 -3.91
CA GLY H 159 -21.85 15.28 -4.22
C GLY H 159 -23.21 15.17 -3.53
N LYS H 160 -24.00 14.18 -3.96
CA LYS H 160 -25.32 13.96 -3.42
C LYS H 160 -25.21 13.17 -2.10
N GLY H 161 -26.30 12.52 -1.70
CA GLY H 161 -26.30 11.75 -0.47
C GLY H 161 -26.25 12.64 0.76
N GLY H 162 -26.35 13.96 0.54
CA GLY H 162 -26.33 14.89 1.66
C GLY H 162 -24.94 15.07 2.26
N LYS H 163 -23.92 14.72 1.49
CA LYS H 163 -22.54 14.84 1.95
C LYS H 163 -22.12 16.32 2.02
N ASN H 164 -21.48 16.70 3.13
CA ASN H 164 -21.02 18.07 3.28
C ASN H 164 -19.72 18.19 4.06
N ARG H 165 -19.36 19.41 4.39
CA ARG H 165 -18.11 19.70 5.07
C ARG H 165 -18.21 21.12 5.56
N THR H 166 -17.61 21.43 6.70
CA THR H 166 -17.70 22.79 7.20
C THR H 166 -16.34 23.45 7.24
N VAL H 167 -16.15 24.52 6.47
CA VAL H 167 -14.86 25.18 6.47
C VAL H 167 -14.84 26.45 7.32
N THR H 168 -13.63 26.93 7.60
CA THR H 168 -13.42 28.12 8.40
C THR H 168 -13.82 29.34 7.59
N LEU H 169 -14.16 30.42 8.26
CA LEU H 169 -14.60 31.63 7.58
C LEU H 169 -13.95 32.84 8.21
N ALA H 170 -13.29 33.68 7.42
CA ALA H 170 -12.65 34.88 7.98
C ALA H 170 -13.73 35.87 8.44
N LYS H 171 -13.73 36.22 9.72
CA LYS H 171 -14.76 37.13 10.25
C LYS H 171 -14.66 38.55 9.74
N GLU H 172 -13.49 38.92 9.26
CA GLU H 172 -13.34 40.27 8.76
C GLU H 172 -14.05 40.36 7.42
N LEU H 173 -14.90 39.39 7.15
CA LEU H 173 -15.63 39.35 5.88
C LEU H 173 -17.13 39.38 6.10
N TYR H 174 -17.56 39.44 7.35
CA TYR H 174 -18.99 39.45 7.65
C TYR H 174 -19.74 40.60 7.00
N PRO H 175 -19.27 41.84 7.19
CA PRO H 175 -20.00 42.93 6.55
C PRO H 175 -20.09 42.75 5.04
N HIS H 176 -19.00 42.30 4.40
CA HIS H 176 -19.05 42.08 2.95
C HIS H 176 -20.08 41.02 2.59
N LEU H 177 -20.15 39.97 3.39
CA LEU H 177 -21.08 38.89 3.15
C LEU H 177 -22.51 39.37 3.27
N LYS H 178 -22.75 40.20 4.28
CA LYS H 178 -24.08 40.77 4.53
C LYS H 178 -24.50 41.61 3.32
N GLU H 179 -23.59 42.39 2.75
CA GLU H 179 -23.95 43.16 1.58
C GLU H 179 -24.36 42.22 0.47
N GLN H 180 -23.64 41.11 0.32
CA GLN H 180 -23.99 40.16 -0.73
C GLN H 180 -25.33 39.47 -0.53
N ILE H 181 -25.61 38.97 0.68
CA ILE H 181 -26.88 38.30 0.91
C ILE H 181 -27.99 39.31 0.60
N ALA H 182 -27.71 40.59 0.83
CA ALA H 182 -28.67 41.67 0.59
C ALA H 182 -28.90 41.84 -0.89
N LEU H 183 -27.81 42.02 -1.62
CA LEU H 183 -27.85 42.14 -3.08
C LEU H 183 -28.53 40.90 -3.63
N ALA H 184 -28.46 39.81 -2.88
CA ALA H 184 -29.07 38.60 -3.35
C ALA H 184 -30.57 38.71 -3.22
N LYS H 185 -31.02 39.26 -2.10
CA LYS H 185 -32.45 39.39 -1.86
C LYS H 185 -33.00 40.50 -2.75
N ARG H 186 -32.13 41.43 -3.12
CA ARG H 186 -32.53 42.54 -3.98
C ARG H 186 -32.95 41.96 -5.33
N TYR H 187 -32.38 40.81 -5.71
CA TYR H 187 -32.73 40.14 -6.97
C TYR H 187 -33.87 39.18 -6.69
N TYR H 188 -33.83 38.54 -5.54
CA TYR H 188 -34.85 37.60 -5.16
C TYR H 188 -36.20 38.24 -5.06
N ASP H 189 -36.23 39.49 -4.62
CA ASP H 189 -37.51 40.18 -4.48
C ASP H 189 -38.07 40.57 -5.84
N ARG H 190 -37.21 41.15 -6.68
CA ARG H 190 -37.60 41.58 -8.01
C ARG H 190 -37.81 40.41 -8.95
N ASP H 191 -37.58 39.20 -8.46
CA ASP H 191 -37.74 38.03 -9.32
C ASP H 191 -38.83 37.11 -8.83
N LEU H 192 -39.03 37.07 -7.53
CA LEU H 192 -40.04 36.19 -6.94
C LEU H 192 -41.36 36.29 -7.67
N HIS H 193 -41.56 37.40 -8.37
CA HIS H 193 -42.79 37.66 -9.11
C HIS H 193 -42.50 38.04 -10.56
N GLN H 194 -42.58 37.05 -11.45
CA GLN H 194 -42.34 37.27 -12.86
C GLN H 194 -42.98 36.18 -13.70
N LYS H 195 -43.46 35.14 -13.02
CA LYS H 195 -44.13 34.04 -13.69
C LYS H 195 -43.32 33.63 -14.93
N ASN H 196 -41.99 33.66 -14.75
CA ASN H 196 -40.96 33.10 -15.64
C ASN H 196 -40.22 32.32 -14.57
N TYR H 197 -39.73 33.07 -13.60
CA TYR H 197 -38.97 32.54 -12.49
C TYR H 197 -39.50 31.21 -11.99
N GLY H 198 -38.65 30.19 -12.08
CA GLY H 198 -39.02 28.87 -11.61
C GLY H 198 -38.34 28.59 -10.30
N GLY H 199 -37.60 29.59 -9.81
CA GLY H 199 -36.86 29.49 -8.56
C GLY H 199 -35.41 29.11 -8.83
N VAL H 200 -34.60 28.97 -7.79
CA VAL H 200 -33.19 28.59 -7.98
C VAL H 200 -33.05 27.11 -8.31
N TRP H 201 -32.04 26.80 -9.13
CA TRP H 201 -31.75 25.43 -9.53
C TRP H 201 -31.53 24.60 -8.26
N LEU H 202 -31.92 23.34 -8.28
CA LEU H 202 -31.77 22.53 -7.10
C LEU H 202 -31.65 21.08 -7.51
N PRO H 203 -30.80 20.31 -6.83
CA PRO H 203 -30.59 18.88 -7.11
C PRO H 203 -31.89 18.11 -7.07
N THR H 204 -32.13 17.30 -8.09
CA THR H 204 -33.34 16.50 -8.16
C THR H 204 -33.82 15.97 -6.82
N ALA H 205 -32.94 15.30 -6.09
CA ALA H 205 -33.31 14.74 -4.79
C ALA H 205 -33.84 15.79 -3.82
N LEU H 206 -33.23 16.97 -3.83
CA LEU H 206 -33.65 18.06 -2.95
C LEU H 206 -34.95 18.68 -3.41
N LYS H 207 -34.98 19.09 -4.69
CA LYS H 207 -36.16 19.73 -5.27
C LYS H 207 -37.42 18.94 -4.96
N GLU H 208 -37.30 17.61 -4.95
CA GLU H 208 -38.47 16.79 -4.67
C GLU H 208 -38.66 16.64 -3.17
N LYS H 209 -37.57 16.83 -2.44
CA LYS H 209 -37.61 16.72 -0.99
C LYS H 209 -38.39 17.92 -0.44
N TYR H 210 -37.97 19.12 -0.82
CA TYR H 210 -38.63 20.35 -0.40
C TYR H 210 -39.10 21.05 -1.67
N PRO H 211 -40.28 20.65 -2.17
CA PRO H 211 -40.83 21.25 -3.39
C PRO H 211 -40.96 22.76 -3.37
N ASN H 212 -40.94 23.35 -2.18
CA ASN H 212 -41.08 24.79 -2.08
C ASN H 212 -39.72 25.48 -2.03
N ALA H 213 -38.71 24.70 -1.70
CA ALA H 213 -37.34 25.20 -1.58
C ALA H 213 -36.89 26.11 -2.71
N PRO H 214 -37.20 25.76 -3.95
CA PRO H 214 -36.75 26.61 -5.04
C PRO H 214 -37.24 28.04 -5.01
N TYR H 215 -38.23 28.31 -4.16
CA TYR H 215 -38.77 29.65 -4.09
C TYR H 215 -38.44 30.41 -2.82
N GLU H 216 -37.71 29.78 -1.90
CA GLU H 216 -37.34 30.47 -0.68
C GLU H 216 -35.91 30.99 -0.73
N PHE H 217 -35.75 32.28 -0.44
CA PHE H 217 -34.45 32.95 -0.48
C PHE H 217 -33.31 32.12 0.12
N ARG H 218 -33.62 31.38 1.17
CA ARG H 218 -32.64 30.55 1.87
C ARG H 218 -31.78 29.74 0.90
N TRP H 219 -32.42 29.11 -0.06
CA TRP H 219 -31.72 28.30 -1.04
C TRP H 219 -31.15 29.06 -2.20
N HIS H 220 -31.18 30.38 -2.21
CA HIS H 220 -30.64 31.09 -3.36
C HIS H 220 -29.13 31.31 -3.35
N TYR H 221 -28.54 31.35 -4.53
CA TYR H 221 -27.09 31.54 -4.64
C TYR H 221 -26.60 32.84 -4.01
N LEU H 222 -25.47 32.77 -3.33
CA LEU H 222 -24.88 33.92 -2.68
C LEU H 222 -24.31 34.89 -3.71
N PHE H 223 -23.83 34.37 -4.83
CA PHE H 223 -23.29 35.24 -5.86
C PHE H 223 -24.09 35.05 -7.13
N PRO H 224 -25.26 35.68 -7.21
CA PRO H 224 -26.16 35.60 -8.36
C PRO H 224 -25.65 36.34 -9.58
N SER H 225 -26.07 35.89 -10.75
CA SER H 225 -25.69 36.52 -12.01
C SER H 225 -26.44 37.83 -12.21
N PHE H 226 -25.95 38.67 -13.11
CA PHE H 226 -26.59 39.93 -13.37
C PHE H 226 -27.99 39.77 -13.97
N GLN H 227 -28.24 38.62 -14.59
CA GLN H 227 -29.55 38.42 -15.18
C GLN H 227 -30.07 36.98 -15.17
N LEU H 228 -31.36 36.82 -15.41
CA LEU H 228 -32.00 35.51 -15.43
C LEU H 228 -31.59 34.72 -16.65
N SER H 229 -31.55 33.41 -16.50
CA SER H 229 -31.13 32.56 -17.60
C SER H 229 -32.09 31.39 -17.67
N LEU H 230 -31.97 30.62 -18.75
CA LEU H 230 -32.85 29.48 -18.97
C LEU H 230 -32.19 28.15 -18.60
N ASP H 231 -32.78 27.45 -17.64
CA ASP H 231 -32.28 26.16 -17.20
C ASP H 231 -32.51 25.13 -18.29
N PRO H 232 -31.43 24.59 -18.86
CA PRO H 232 -31.53 23.60 -19.92
C PRO H 232 -32.17 22.25 -19.56
N GLU H 233 -32.25 21.92 -18.28
CA GLU H 233 -32.85 20.63 -17.93
C GLU H 233 -34.31 20.72 -17.53
N SER H 234 -34.90 21.90 -17.68
CA SER H 234 -36.30 22.08 -17.30
C SER H 234 -36.97 23.20 -18.11
N ASP H 235 -36.16 23.90 -18.89
CA ASP H 235 -36.66 24.99 -19.72
C ASP H 235 -37.50 26.01 -18.98
N VAL H 236 -36.91 26.64 -17.97
CA VAL H 236 -37.59 27.66 -17.20
C VAL H 236 -36.53 28.69 -16.86
N MET H 237 -36.96 29.90 -16.59
CA MET H 237 -36.00 30.96 -16.25
C MET H 237 -35.67 30.92 -14.77
N ARG H 238 -34.39 31.09 -14.44
CA ARG H 238 -33.94 31.15 -13.04
C ARG H 238 -32.65 31.94 -13.02
N ARG H 239 -32.23 32.36 -11.82
CA ARG H 239 -31.01 33.15 -11.72
C ARG H 239 -29.86 32.23 -11.31
N HIS H 240 -28.87 32.18 -12.19
CA HIS H 240 -27.67 31.36 -11.99
C HIS H 240 -26.61 32.16 -11.29
N HIS H 241 -25.60 31.48 -10.77
CA HIS H 241 -24.54 32.21 -10.09
C HIS H 241 -23.67 32.89 -11.15
N MET H 242 -22.82 33.81 -10.70
CA MET H 242 -21.96 34.51 -11.64
C MET H 242 -21.12 33.49 -12.43
N ASN H 243 -20.79 33.83 -13.67
CA ASN H 243 -20.00 32.94 -14.51
C ASN H 243 -18.61 32.79 -13.94
N GLU H 244 -18.24 31.55 -13.63
CA GLU H 244 -16.94 31.27 -13.03
C GLU H 244 -15.78 31.80 -13.84
N THR H 245 -15.90 31.73 -15.15
CA THR H 245 -14.83 32.19 -16.02
C THR H 245 -14.47 33.63 -15.67
N VAL H 246 -15.40 34.35 -15.06
CA VAL H 246 -15.11 35.71 -14.70
C VAL H 246 -13.95 35.77 -13.73
N LEU H 247 -14.03 35.01 -12.65
CA LEU H 247 -12.99 34.99 -11.63
C LEU H 247 -11.68 34.43 -12.20
N GLN H 248 -11.80 33.37 -12.99
CA GLN H 248 -10.60 32.80 -13.56
C GLN H 248 -9.81 33.84 -14.33
N LYS H 249 -10.51 34.69 -15.07
CA LYS H 249 -9.85 35.72 -15.85
C LYS H 249 -9.35 36.80 -14.88
N ALA H 250 -10.20 37.13 -13.92
CA ALA H 250 -9.87 38.16 -12.95
C ALA H 250 -8.55 37.86 -12.25
N VAL H 251 -8.49 36.73 -11.56
CA VAL H 251 -7.31 36.30 -10.81
C VAL H 251 -6.08 36.32 -11.69
N ARG H 252 -6.18 35.73 -12.87
CA ARG H 252 -5.07 35.68 -13.79
C ARG H 252 -4.51 37.06 -14.15
N ARG H 253 -5.36 38.00 -14.57
CA ARG H 253 -4.85 39.32 -14.94
C ARG H 253 -4.45 40.15 -13.75
N SER H 254 -5.16 39.99 -12.64
CA SER H 254 -4.83 40.77 -11.47
C SER H 254 -3.42 40.44 -10.99
N ALA H 255 -3.06 39.16 -11.06
CA ALA H 255 -1.74 38.74 -10.64
C ALA H 255 -0.70 39.28 -11.61
N GLN H 256 -1.06 39.31 -12.89
CA GLN H 256 -0.19 39.81 -13.93
C GLN H 256 0.18 41.27 -13.64
N GLU H 257 -0.82 42.07 -13.28
CA GLU H 257 -0.61 43.48 -12.99
C GLU H 257 0.06 43.64 -11.65
N ALA H 258 -0.23 42.74 -10.73
CA ALA H 258 0.37 42.82 -9.40
C ALA H 258 1.87 42.55 -9.48
N GLY H 259 2.32 42.11 -10.65
CA GLY H 259 3.73 41.84 -10.86
C GLY H 259 4.21 40.48 -10.36
N ILE H 260 3.28 39.57 -10.10
CA ILE H 260 3.64 38.24 -9.64
C ILE H 260 4.05 37.43 -10.87
N GLU H 261 5.24 36.84 -10.80
CA GLU H 261 5.77 36.07 -11.93
C GLU H 261 5.25 34.64 -12.06
N LYS H 262 5.00 33.98 -10.93
CA LYS H 262 4.51 32.60 -11.02
C LYS H 262 3.04 32.59 -11.43
N THR H 263 2.63 31.54 -12.13
CA THR H 263 1.27 31.40 -12.58
C THR H 263 0.32 31.44 -11.39
N VAL H 264 -0.79 32.16 -11.52
CA VAL H 264 -1.76 32.23 -10.44
C VAL H 264 -3.15 31.94 -10.95
N THR H 265 -3.81 30.96 -10.34
CA THR H 265 -5.16 30.59 -10.72
C THR H 265 -5.95 30.37 -9.45
N CYS H 266 -7.21 30.00 -9.58
CA CYS H 266 -8.00 29.80 -8.38
C CYS H 266 -7.43 28.69 -7.52
N HIS H 267 -7.00 27.62 -8.16
CA HIS H 267 -6.42 26.51 -7.44
C HIS H 267 -5.28 27.04 -6.60
N THR H 268 -4.48 27.89 -7.20
CA THR H 268 -3.36 28.43 -6.49
C THR H 268 -3.76 29.01 -5.17
N LEU H 269 -4.88 29.72 -5.15
CA LEU H 269 -5.28 30.31 -3.89
C LEU H 269 -5.61 29.23 -2.90
N ARG H 270 -6.23 28.16 -3.38
CA ARG H 270 -6.58 27.05 -2.49
C ARG H 270 -5.32 26.36 -1.96
N HIS H 271 -4.28 26.25 -2.80
CA HIS H 271 -3.06 25.61 -2.36
C HIS H 271 -2.42 26.43 -1.26
N SER H 272 -2.46 27.73 -1.46
CA SER H 272 -1.86 28.66 -0.50
C SER H 272 -2.59 28.58 0.85
N PHE H 273 -3.89 28.37 0.80
CA PHE H 273 -4.68 28.26 2.00
C PHE H 273 -4.20 27.06 2.80
N ALA H 274 -3.97 25.96 2.12
CA ALA H 274 -3.54 24.75 2.78
C ALA H 274 -2.13 24.89 3.34
N THR H 275 -1.20 25.30 2.49
CA THR H 275 0.17 25.46 2.93
C THR H 275 0.28 26.42 4.10
N HIS H 276 -0.30 27.62 3.98
CA HIS H 276 -0.24 28.57 5.07
C HIS H 276 -0.85 28.03 6.36
N LEU H 277 -1.89 27.21 6.29
CA LEU H 277 -2.44 26.67 7.54
C LEU H 277 -1.38 25.76 8.18
N LEU H 278 -0.72 24.94 7.37
CA LEU H 278 0.31 24.04 7.87
C LEU H 278 1.47 24.82 8.47
N GLU H 279 1.98 25.82 7.75
CA GLU H 279 3.10 26.61 8.24
C GLU H 279 2.83 27.20 9.61
N VAL H 280 1.56 27.46 9.93
CA VAL H 280 1.25 28.03 11.23
C VAL H 280 1.09 26.95 12.29
N GLY H 281 1.27 25.71 11.86
CA GLY H 281 1.17 24.62 12.81
C GLY H 281 -0.10 23.81 12.81
N ALA H 282 -1.00 23.99 11.86
CA ALA H 282 -2.20 23.17 11.87
C ALA H 282 -1.83 21.72 11.58
N ASP H 283 -2.62 20.78 12.09
CA ASP H 283 -2.39 19.35 11.88
C ASP H 283 -2.88 18.91 10.49
N ILE H 284 -2.12 18.08 9.77
CA ILE H 284 -2.61 17.67 8.46
C ILE H 284 -4.03 17.14 8.47
N ARG H 285 -4.42 16.38 9.49
CA ARG H 285 -5.78 15.85 9.51
C ARG H 285 -6.77 17.02 9.51
N THR H 286 -6.37 18.11 10.13
CA THR H 286 -7.22 19.28 10.21
C THR H 286 -7.34 19.92 8.86
N VAL H 287 -6.21 20.16 8.24
CA VAL H 287 -6.22 20.74 6.92
C VAL H 287 -6.94 19.80 5.97
N GLN H 288 -6.81 18.51 6.22
CA GLN H 288 -7.44 17.51 5.38
C GLN H 288 -8.94 17.70 5.47
N GLU H 289 -9.38 18.03 6.68
CA GLU H 289 -10.78 18.24 6.97
C GLU H 289 -11.21 19.52 6.26
N GLN H 290 -10.43 20.58 6.41
CA GLN H 290 -10.77 21.86 5.79
C GLN H 290 -10.96 21.74 4.29
N LEU H 291 -10.09 20.97 3.64
CA LEU H 291 -10.24 20.75 2.19
C LEU H 291 -11.26 19.62 2.20
N GLY H 292 -11.45 18.93 1.11
CA GLY H 292 -12.41 17.84 1.23
C GLY H 292 -11.75 16.50 1.14
N HIS H 293 -10.43 16.44 1.26
CA HIS H 293 -9.69 15.20 1.12
C HIS H 293 -10.18 14.04 1.96
N THR H 294 -10.44 12.91 1.31
CA THR H 294 -10.90 11.77 2.06
C THR H 294 -9.68 10.94 2.42
N ASP H 295 -8.53 11.27 1.84
CA ASP H 295 -7.30 10.56 2.09
C ASP H 295 -6.17 11.53 2.41
N VAL H 296 -5.61 11.43 3.62
CA VAL H 296 -4.51 12.31 3.98
C VAL H 296 -3.38 12.35 3.00
N LYS H 297 -3.14 11.25 2.31
CA LYS H 297 -2.03 11.25 1.35
C LYS H 297 -2.18 12.42 0.39
N THR H 298 -3.42 12.73 0.04
CA THR H 298 -3.68 13.85 -0.85
C THR H 298 -3.19 15.13 -0.21
N THR H 299 -3.67 15.38 1.01
CA THR H 299 -3.30 16.57 1.72
C THR H 299 -1.82 16.67 1.94
N GLN H 300 -1.15 15.53 2.06
CA GLN H 300 0.27 15.57 2.35
C GLN H 300 1.17 16.23 1.34
N ILE H 301 0.73 16.30 0.08
CA ILE H 301 1.54 16.95 -0.94
C ILE H 301 1.92 18.37 -0.51
N TYR H 302 1.02 19.07 0.17
CA TYR H 302 1.29 20.43 0.61
C TYR H 302 2.37 20.46 1.65
N THR H 303 2.75 19.29 2.10
CA THR H 303 3.76 19.18 3.13
C THR H 303 5.18 19.18 2.58
N HIS H 304 5.32 18.59 1.40
CA HIS H 304 6.60 18.43 0.72
C HIS H 304 7.44 19.68 0.59
N VAL H 305 6.94 20.68 -0.10
CA VAL H 305 7.75 21.87 -0.26
C VAL H 305 8.24 22.33 1.12
N LEU H 306 7.48 22.08 2.17
CA LEU H 306 7.92 22.50 3.49
C LEU H 306 9.08 21.68 4.04
N ASP H 307 8.77 20.51 4.55
CA ASP H 307 9.78 19.66 5.18
C ASP H 307 10.48 18.68 4.21
N ARG H 308 10.28 18.85 2.93
CA ARG H 308 10.96 17.98 2.01
C ARG H 308 11.93 18.87 1.22
N GLY H 309 11.89 20.17 1.54
CA GLY H 309 12.75 21.15 0.92
C GLY H 309 13.90 21.53 1.85
N ALA H 310 14.57 22.64 1.58
CA ALA H 310 15.70 23.06 2.42
C ALA H 310 15.48 23.10 3.93
N SER H 311 14.33 23.58 4.35
CA SER H 311 14.05 23.67 5.76
C SER H 311 13.93 22.31 6.42
N GLY H 312 13.73 21.26 5.63
CA GLY H 312 13.60 19.94 6.22
C GLY H 312 14.72 18.96 5.91
N VAL H 313 15.31 19.14 4.74
CA VAL H 313 16.39 18.29 4.28
C VAL H 313 17.53 19.14 3.82
N LEU H 314 18.65 19.05 4.50
CA LEU H 314 19.78 19.86 4.13
C LEU H 314 20.59 19.28 2.96
N SER H 315 20.65 20.04 1.87
CA SER H 315 21.39 19.58 0.71
C SER H 315 22.81 19.18 1.04
N PRO H 316 23.29 18.05 0.50
CA PRO H 316 24.66 17.62 0.79
C PRO H 316 25.68 18.64 0.28
N LEU H 317 25.30 19.42 -0.72
CA LEU H 317 26.18 20.45 -1.26
C LEU H 317 26.34 21.55 -0.25
N SER H 318 25.38 21.69 0.66
CA SER H 318 25.44 22.73 1.67
C SER H 318 26.45 22.38 2.74
N ARG H 319 27.08 21.23 2.62
CA ARG H 319 28.08 20.86 3.62
C ARG H 319 29.45 20.84 2.96
N LEU H 320 29.69 19.85 2.12
CA LEU H 320 30.99 19.76 1.45
C LEU H 320 30.77 19.50 -0.05
#